data_8HAP
#
_entry.id   8HAP
#
_cell.length_a   164.075
_cell.length_b   75.356
_cell.length_c   105.305
_cell.angle_alpha   90.000
_cell.angle_beta   124.640
_cell.angle_gamma   90.000
#
_symmetry.space_group_name_H-M   'C 1 2 1'
#
loop_
_entity.id
_entity.type
_entity.pdbx_description
1 polymer 'Aldehyde dehydrogenase'
2 non-polymer '[(2R,3R,4R,5R)-5-(6-AMINO-9H-PURIN-9-YL)-3-HYDROXY-4-(PHOSPHONOOXY)TETRAHYDROFURAN-2-YL]METHYL [(2R,3S,4S)-3,4-DIHYDROXYTETRAHYDROFURAN-2-YL]METHYL DIHYDROGEN DIPHOSPHATE'
3 non-polymer 'SODIUM ION'
4 non-polymer "2'-MONOPHOSPHOADENOSINE-5'-DIPHOSPHATE"
5 water water
#
_entity_poly.entity_id   1
_entity_poly.type   'polypeptide(L)'
_entity_poly.pdbx_seq_one_letter_code
;MGHHHHHHGGGMSEVIEIKSPSNLKVIGTVKRMSKDEVRGEIEEAYKGFETISRMPLYKRTAILRKVSEILEREQERLAR
LLAMEAGKPIKDSRVEVMRASRLFRQAAEEAAIVLEGKNYRVDAYEYPPGNENRIVISTREPIGVVTAILPFNFPINSFA
HKVAPAIAVGNSVVVKPSISTPLSAIEMKKILVEAGLPDSAVRIVTGYSNEIGDELITHPLVGLITLTGSTQTGLAIASK
AVSLGKRIIMELGGSDPIIVLEDANIDRASSIAVRARYEYAGQNCNAGKRIIVREEIYDKFVKAFKEKVKALKVGDPLDE
STDIGPVINQESVEKLNKALEDAQSKGGNVEVLNKGPETGYFFPLSLVTNPSLDMLVLKTEIFGPIAPIVSVKSDEEAIN
IANSTEYGLQSAIFSNDVNRALKIAKELKFGAIIINDSTRLRWDSLPFGGFKKTGIGREGVRDTMLEMTENKLIAITLL
;
_entity_poly.pdbx_strand_id   A,B
#
# COMPACT_ATOMS: atom_id res chain seq x y z
N GLU A 14 -22.21 -30.85 -2.06
CA GLU A 14 -20.85 -31.48 -2.04
C GLU A 14 -20.05 -31.10 -3.29
N VAL A 15 -20.68 -31.02 -4.48
CA VAL A 15 -20.04 -30.41 -5.70
C VAL A 15 -20.92 -29.28 -6.25
N ILE A 16 -20.30 -28.37 -6.98
CA ILE A 16 -20.95 -27.25 -7.72
C ILE A 16 -20.72 -27.51 -9.20
N GLU A 17 -21.79 -27.40 -9.99
CA GLU A 17 -21.80 -27.62 -11.44
C GLU A 17 -21.39 -26.33 -12.14
N ILE A 18 -20.47 -26.43 -13.11
CA ILE A 18 -20.03 -25.28 -13.94
C ILE A 18 -20.67 -25.44 -15.32
N LYS A 19 -21.42 -24.43 -15.73
CA LYS A 19 -22.25 -24.42 -16.97
C LYS A 19 -21.71 -23.37 -17.94
N SER A 20 -21.71 -23.68 -19.23
CA SER A 20 -21.36 -22.73 -20.32
C SER A 20 -22.43 -21.65 -20.38
N PRO A 21 -22.08 -20.35 -20.30
CA PRO A 21 -23.08 -19.30 -20.43
C PRO A 21 -23.66 -19.20 -21.87
N SER A 22 -23.05 -19.93 -22.79
CA SER A 22 -23.42 -20.01 -24.22
C SER A 22 -24.63 -20.94 -24.42
N ASN A 23 -24.61 -22.16 -23.88
CA ASN A 23 -25.67 -23.18 -24.11
C ASN A 23 -26.13 -23.85 -22.80
N LEU A 24 -25.63 -23.38 -21.65
CA LEU A 24 -26.01 -23.90 -20.29
C LEU A 24 -25.65 -25.38 -20.13
N LYS A 25 -24.84 -25.98 -21.02
CA LYS A 25 -24.39 -27.39 -20.84
C LYS A 25 -23.38 -27.44 -19.69
N VAL A 26 -23.47 -28.49 -18.86
CA VAL A 26 -22.58 -28.73 -17.68
C VAL A 26 -21.18 -29.06 -18.22
N ILE A 27 -20.17 -28.26 -17.84
CA ILE A 27 -18.78 -28.30 -18.40
C ILE A 27 -17.88 -29.10 -17.44
N GLY A 28 -18.26 -29.20 -16.18
CA GLY A 28 -17.42 -29.80 -15.14
C GLY A 28 -17.95 -29.42 -13.80
N THR A 29 -17.38 -29.98 -12.74
CA THR A 29 -17.81 -29.75 -11.34
C THR A 29 -16.58 -29.48 -10.49
N VAL A 30 -16.78 -28.82 -9.35
CA VAL A 30 -15.73 -28.52 -8.36
C VAL A 30 -16.28 -28.79 -6.98
N LYS A 31 -15.39 -29.04 -6.05
CA LYS A 31 -15.75 -29.33 -4.64
C LYS A 31 -16.42 -28.07 -4.07
N ARG A 32 -17.49 -28.28 -3.30
CA ARG A 32 -18.16 -27.23 -2.49
C ARG A 32 -17.48 -27.23 -1.12
N MET A 33 -16.46 -26.39 -0.93
CA MET A 33 -15.59 -26.50 0.26
C MET A 33 -16.27 -25.83 1.47
N SER A 34 -16.09 -26.42 2.64
CA SER A 34 -16.51 -25.87 3.96
C SER A 34 -15.43 -24.88 4.44
N LYS A 35 -15.78 -24.03 5.41
CA LYS A 35 -14.81 -23.17 6.14
C LYS A 35 -13.66 -24.05 6.62
N ASP A 36 -13.99 -25.23 7.11
CA ASP A 36 -12.99 -26.13 7.74
C ASP A 36 -11.98 -26.57 6.67
N GLU A 37 -12.44 -27.04 5.52
CA GLU A 37 -11.51 -27.53 4.46
C GLU A 37 -10.65 -26.35 3.98
N VAL A 38 -11.16 -25.13 3.96
CA VAL A 38 -10.39 -23.94 3.51
C VAL A 38 -9.35 -23.55 4.58
N ARG A 39 -9.68 -23.77 5.85
CA ARG A 39 -8.74 -23.56 6.99
C ARG A 39 -7.55 -24.49 6.77
N GLY A 40 -7.81 -25.73 6.34
CA GLY A 40 -6.80 -26.78 6.09
C GLY A 40 -5.91 -26.42 4.92
N GLU A 41 -6.48 -25.79 3.89
CA GLU A 41 -5.75 -25.39 2.66
C GLU A 41 -4.78 -24.27 3.04
N ILE A 42 -5.18 -23.37 3.91
CA ILE A 42 -4.32 -22.23 4.35
C ILE A 42 -3.16 -22.78 5.19
N GLU A 43 -3.44 -23.67 6.16
CA GLU A 43 -2.38 -24.32 6.97
C GLU A 43 -1.41 -25.06 6.03
N GLU A 44 -1.92 -25.72 4.99
CA GLU A 44 -1.02 -26.39 4.02
C GLU A 44 -0.22 -25.36 3.20
N ALA A 45 -0.81 -24.23 2.81
CA ALA A 45 -0.11 -23.22 2.00
C ALA A 45 1.03 -22.62 2.84
N TYR A 46 0.86 -22.50 4.17
CA TYR A 46 1.91 -21.99 5.09
C TYR A 46 3.14 -22.90 5.05
N LYS A 47 2.91 -24.21 5.13
CA LYS A 47 3.99 -25.22 4.97
C LYS A 47 4.64 -25.09 3.58
N GLY A 48 3.84 -24.88 2.53
CA GLY A 48 4.34 -24.54 1.18
C GLY A 48 5.22 -23.28 1.17
N PHE A 49 4.88 -22.27 1.97
CA PHE A 49 5.69 -21.04 2.13
C PHE A 49 7.06 -21.40 2.71
N GLU A 50 7.07 -22.22 3.76
CA GLU A 50 8.33 -22.64 4.46
C GLU A 50 9.22 -23.35 3.44
N THR A 51 8.63 -24.09 2.49
CA THR A 51 9.40 -24.84 1.48
C THR A 51 9.92 -23.90 0.39
N ILE A 52 9.01 -23.19 -0.30
CA ILE A 52 9.31 -22.36 -1.52
C ILE A 52 10.25 -21.20 -1.10
N SER A 53 10.08 -20.63 0.08
CA SER A 53 10.87 -19.47 0.58
C SER A 53 12.31 -19.90 0.86
N ARG A 54 12.54 -21.19 1.09
CA ARG A 54 13.90 -21.72 1.36
C ARG A 54 14.55 -22.23 0.07
N MET A 55 13.81 -22.38 -1.04
CA MET A 55 14.43 -22.72 -2.36
C MET A 55 15.20 -21.49 -2.84
N PRO A 56 16.39 -21.63 -3.45
CA PRO A 56 17.06 -20.49 -4.04
C PRO A 56 16.24 -19.90 -5.20
N LEU A 57 16.36 -18.60 -5.41
CA LEU A 57 15.57 -17.91 -6.45
C LEU A 57 15.71 -18.62 -7.80
N TYR A 58 16.92 -19.05 -8.21
CA TYR A 58 17.14 -19.64 -9.55
C TYR A 58 16.26 -20.87 -9.78
N LYS A 59 15.99 -21.68 -8.76
CA LYS A 59 15.13 -22.88 -8.90
C LYS A 59 13.68 -22.42 -9.07
N ARG A 60 13.29 -21.33 -8.40
CA ARG A 60 11.91 -20.81 -8.50
C ARG A 60 11.69 -20.26 -9.90
N THR A 61 12.63 -19.46 -10.41
CA THR A 61 12.52 -18.91 -11.77
C THR A 61 12.61 -20.06 -12.79
N ALA A 62 13.35 -21.13 -12.52
CA ALA A 62 13.37 -22.31 -13.43
C ALA A 62 11.94 -22.90 -13.49
N ILE A 63 11.25 -23.00 -12.35
CA ILE A 63 9.83 -23.46 -12.35
C ILE A 63 8.98 -22.52 -13.20
N LEU A 64 9.12 -21.21 -13.03
CA LEU A 64 8.30 -20.21 -13.77
C LEU A 64 8.54 -20.34 -15.28
N ARG A 65 9.80 -20.47 -15.74
CA ARG A 65 10.09 -20.66 -17.18
C ARG A 65 9.45 -21.97 -17.67
N LYS A 66 9.45 -23.03 -16.86
CA LYS A 66 8.85 -24.33 -17.29
C LYS A 66 7.33 -24.13 -17.44
N VAL A 67 6.68 -23.41 -16.53
CA VAL A 67 5.22 -23.12 -16.62
C VAL A 67 4.95 -22.37 -17.92
N SER A 68 5.78 -21.39 -18.22
CA SER A 68 5.70 -20.58 -19.48
C SER A 68 5.58 -21.52 -20.69
N GLU A 69 6.48 -22.50 -20.79
CA GLU A 69 6.58 -23.42 -21.98
C GLU A 69 5.36 -24.33 -22.03
N ILE A 70 4.92 -24.85 -20.88
CA ILE A 70 3.74 -25.74 -20.82
C ILE A 70 2.51 -24.98 -21.30
N LEU A 71 2.35 -23.72 -20.87
CA LEU A 71 1.16 -22.89 -21.23
C LEU A 71 1.08 -22.69 -22.73
N GLU A 72 2.20 -22.47 -23.39
CA GLU A 72 2.30 -22.44 -24.87
C GLU A 72 1.88 -23.81 -25.43
N ARG A 73 2.34 -24.91 -24.86
CA ARG A 73 2.04 -26.26 -25.42
C ARG A 73 0.54 -26.56 -25.28
N GLU A 74 -0.11 -26.09 -24.21
CA GLU A 74 -1.54 -26.36 -23.89
C GLU A 74 -2.43 -25.18 -24.30
N GLN A 75 -1.92 -24.27 -25.12
CA GLN A 75 -2.64 -23.01 -25.47
C GLN A 75 -4.06 -23.35 -25.95
N GLU A 76 -4.21 -24.33 -26.84
CA GLU A 76 -5.49 -24.55 -27.56
C GLU A 76 -6.52 -25.20 -26.62
N ARG A 77 -6.05 -26.15 -25.80
CA ARG A 77 -6.88 -26.85 -24.80
C ARG A 77 -7.37 -25.81 -23.79
N LEU A 78 -6.47 -25.00 -23.24
CA LEU A 78 -6.87 -24.01 -22.20
C LEU A 78 -7.81 -22.96 -22.82
N ALA A 79 -7.59 -22.54 -24.06
CA ALA A 79 -8.44 -21.56 -24.77
C ALA A 79 -9.87 -22.10 -24.96
N ARG A 80 -10.00 -23.37 -25.32
CA ARG A 80 -11.33 -24.01 -25.50
C ARG A 80 -12.02 -24.02 -24.14
N LEU A 81 -11.29 -24.34 -23.07
CA LEU A 81 -11.84 -24.38 -21.70
C LEU A 81 -12.37 -22.99 -21.32
N LEU A 82 -11.59 -21.95 -21.54
CA LEU A 82 -12.03 -20.53 -21.32
C LEU A 82 -13.29 -20.22 -22.12
N ALA A 83 -13.31 -20.59 -23.41
CA ALA A 83 -14.48 -20.41 -24.30
C ALA A 83 -15.72 -21.08 -23.67
N MET A 84 -15.55 -22.22 -23.02
CA MET A 84 -16.71 -23.02 -22.55
C MET A 84 -17.20 -22.48 -21.20
N GLU A 85 -16.32 -22.27 -20.21
CA GLU A 85 -16.80 -21.89 -18.86
C GLU A 85 -17.08 -20.39 -18.79
N ALA A 86 -16.29 -19.56 -19.48
CA ALA A 86 -16.29 -18.08 -19.38
C ALA A 86 -17.09 -17.46 -20.54
N GLY A 87 -17.38 -18.23 -21.59
CA GLY A 87 -18.07 -17.72 -22.78
C GLY A 87 -17.19 -16.75 -23.58
N LYS A 88 -15.87 -16.86 -23.47
CA LYS A 88 -14.92 -15.93 -24.15
C LYS A 88 -14.60 -16.50 -25.53
N PRO A 89 -14.90 -15.78 -26.64
CA PRO A 89 -14.59 -16.28 -27.96
C PRO A 89 -13.14 -16.79 -28.04
N ILE A 90 -12.97 -17.89 -28.77
CA ILE A 90 -11.74 -18.70 -28.81
C ILE A 90 -10.54 -17.81 -29.17
N LYS A 91 -10.71 -16.86 -30.08
CA LYS A 91 -9.63 -15.98 -30.59
C LYS A 91 -9.10 -15.11 -29.45
N ASP A 92 -10.01 -14.64 -28.56
CA ASP A 92 -9.67 -13.82 -27.37
C ASP A 92 -9.11 -14.73 -26.27
N SER A 93 -9.67 -15.94 -26.12
CA SER A 93 -9.20 -16.99 -25.19
C SER A 93 -7.74 -17.38 -25.50
N ARG A 94 -7.42 -17.57 -26.78
CA ARG A 94 -6.02 -17.81 -27.20
C ARG A 94 -5.12 -16.67 -26.71
N VAL A 95 -5.54 -15.43 -26.87
CA VAL A 95 -4.69 -14.24 -26.53
C VAL A 95 -4.43 -14.29 -25.03
N GLU A 96 -5.46 -14.56 -24.22
CA GLU A 96 -5.33 -14.56 -22.73
C GLU A 96 -4.33 -15.64 -22.32
N VAL A 97 -4.45 -16.86 -22.85
CA VAL A 97 -3.51 -17.95 -22.47
C VAL A 97 -2.08 -17.56 -22.88
N MET A 98 -1.92 -16.91 -24.03
CA MET A 98 -0.58 -16.52 -24.53
C MET A 98 -0.01 -15.40 -23.64
N ARG A 99 -0.83 -14.45 -23.18
CA ARG A 99 -0.39 -13.45 -22.18
C ARG A 99 0.05 -14.12 -20.86
N ALA A 100 -0.67 -15.13 -20.39
CA ALA A 100 -0.34 -15.84 -19.13
C ALA A 100 1.00 -16.53 -19.31
N SER A 101 1.24 -17.12 -20.47
CA SER A 101 2.53 -17.76 -20.82
C SER A 101 3.66 -16.73 -20.67
N ARG A 102 3.51 -15.59 -21.32
CA ARG A 102 4.57 -14.54 -21.37
C ARG A 102 4.74 -13.93 -19.97
N LEU A 103 3.66 -13.89 -19.18
CA LEU A 103 3.69 -13.29 -17.84
C LEU A 103 4.52 -14.19 -16.91
N PHE A 104 4.20 -15.48 -16.87
CA PHE A 104 5.02 -16.49 -16.14
C PHE A 104 6.48 -16.35 -16.60
N ARG A 105 6.77 -16.16 -17.88
CA ARG A 105 8.18 -16.01 -18.33
C ARG A 105 8.78 -14.68 -17.82
N GLN A 106 8.07 -13.55 -17.97
CA GLN A 106 8.59 -12.21 -17.56
C GLN A 106 8.90 -12.20 -16.06
N ALA A 107 8.14 -12.92 -15.24
CA ALA A 107 8.34 -13.06 -13.79
C ALA A 107 9.68 -13.76 -13.53
N ALA A 108 9.96 -14.84 -14.27
CA ALA A 108 11.26 -15.52 -14.25
C ALA A 108 12.39 -14.55 -14.62
N GLU A 109 12.23 -13.83 -15.72
CA GLU A 109 13.25 -13.00 -16.37
C GLU A 109 13.58 -11.77 -15.51
N GLU A 110 12.60 -11.18 -14.81
CA GLU A 110 12.74 -9.81 -14.23
C GLU A 110 13.04 -9.88 -12.73
N ALA A 111 12.91 -11.06 -12.10
CA ALA A 111 13.06 -11.26 -10.64
C ALA A 111 14.43 -10.72 -10.16
N ALA A 112 15.52 -11.04 -10.87
CA ALA A 112 16.90 -10.75 -10.41
C ALA A 112 17.04 -9.25 -10.22
N ILE A 113 16.55 -8.47 -11.17
CA ILE A 113 16.70 -6.99 -11.19
C ILE A 113 15.59 -6.39 -10.32
N VAL A 114 14.37 -6.91 -10.40
CA VAL A 114 13.26 -6.31 -9.63
C VAL A 114 13.55 -6.41 -8.12
N LEU A 115 14.14 -7.51 -7.64
CA LEU A 115 14.28 -7.83 -6.19
C LEU A 115 15.60 -7.29 -5.64
N GLU A 116 16.34 -6.61 -6.48
CA GLU A 116 17.72 -6.17 -6.20
C GLU A 116 17.63 -5.11 -5.10
N GLY A 117 18.43 -5.26 -4.05
CA GLY A 117 18.43 -4.29 -2.94
C GLY A 117 19.43 -3.17 -3.15
N LYS A 118 19.58 -2.33 -2.14
CA LYS A 118 20.50 -1.17 -2.17
C LYS A 118 21.66 -1.38 -1.19
N ASN A 119 22.78 -0.74 -1.47
CA ASN A 119 23.88 -0.39 -0.53
C ASN A 119 23.83 1.14 -0.34
N TYR A 120 23.07 1.63 0.63
CA TYR A 120 22.83 3.08 0.88
C TYR A 120 24.13 3.82 1.21
N ARG A 121 24.26 5.03 0.68
CA ARG A 121 25.40 5.94 0.96
C ARG A 121 25.04 6.70 2.21
N VAL A 122 25.06 6.06 3.38
CA VAL A 122 24.55 6.70 4.62
C VAL A 122 25.56 7.73 5.09
N ASP A 123 26.78 7.76 4.54
CA ASP A 123 27.80 8.79 4.93
C ASP A 123 27.42 10.14 4.30
N ALA A 124 26.35 10.17 3.51
CA ALA A 124 25.74 11.41 3.00
C ALA A 124 25.00 12.11 4.12
N TYR A 125 24.72 11.42 5.24
CA TYR A 125 23.81 11.96 6.29
C TYR A 125 24.59 12.04 7.60
N GLU A 126 24.42 13.16 8.29
CA GLU A 126 25.04 13.43 9.62
C GLU A 126 24.33 12.66 10.72
N TYR A 127 23.08 12.28 10.54
CA TYR A 127 22.32 11.51 11.56
C TYR A 127 21.96 10.11 11.07
N PRO A 128 21.97 9.06 11.95
CA PRO A 128 22.61 9.11 13.26
C PRO A 128 24.09 9.41 13.09
N PRO A 129 24.78 9.92 14.14
CA PRO A 129 26.22 10.15 14.06
C PRO A 129 26.99 8.84 13.84
N GLY A 130 28.09 8.85 13.09
CA GLY A 130 28.95 7.67 12.84
C GLY A 130 28.58 6.88 11.60
N ASN A 131 27.84 7.46 10.67
CA ASN A 131 27.45 6.82 9.38
C ASN A 131 28.69 6.50 8.53
N GLU A 132 29.83 7.15 8.75
CA GLU A 132 31.08 6.85 7.99
C GLU A 132 31.59 5.45 8.35
N ASN A 133 31.12 4.83 9.44
CA ASN A 133 31.59 3.49 9.89
C ASN A 133 30.52 2.43 9.66
N ARG A 134 29.47 2.74 8.89
CA ARG A 134 28.32 1.82 8.69
C ARG A 134 28.25 1.31 7.25
N ILE A 135 27.85 0.04 7.12
CA ILE A 135 27.32 -0.54 5.87
C ILE A 135 25.83 -0.75 6.09
N VAL A 136 25.00 -0.17 5.22
CA VAL A 136 23.54 -0.40 5.28
C VAL A 136 23.07 -0.92 3.92
N ILE A 137 22.51 -2.14 3.95
CA ILE A 137 22.01 -2.82 2.72
C ILE A 137 20.53 -3.14 2.92
N SER A 138 19.82 -3.35 1.80
CA SER A 138 18.39 -3.73 1.77
C SER A 138 18.23 -5.02 0.95
N THR A 139 17.24 -5.82 1.31
CA THR A 139 16.81 -7.05 0.58
C THR A 139 15.30 -7.07 0.55
N ARG A 140 14.72 -7.78 -0.41
CA ARG A 140 13.27 -7.97 -0.53
C ARG A 140 12.91 -9.36 0.01
N GLU A 141 12.15 -9.41 1.10
CA GLU A 141 11.79 -10.68 1.74
C GLU A 141 10.36 -11.02 1.34
N PRO A 142 10.04 -12.32 1.19
CA PRO A 142 8.65 -12.72 0.99
C PRO A 142 7.82 -12.43 2.25
N ILE A 143 6.52 -12.28 2.10
CA ILE A 143 5.54 -11.94 3.18
C ILE A 143 5.01 -13.22 3.83
N GLY A 144 4.88 -14.31 3.07
CA GLY A 144 4.33 -15.58 3.59
C GLY A 144 3.23 -16.08 2.68
N VAL A 145 2.01 -16.16 3.22
CA VAL A 145 0.85 -16.71 2.49
C VAL A 145 0.04 -15.58 1.87
N VAL A 146 -0.20 -15.70 0.58
CA VAL A 146 -1.01 -14.74 -0.23
C VAL A 146 -2.36 -15.41 -0.51
N THR A 147 -3.46 -14.73 -0.18
CA THR A 147 -4.83 -15.05 -0.64
C THR A 147 -5.09 -14.30 -1.94
N ALA A 148 -5.37 -15.03 -3.02
CA ALA A 148 -5.60 -14.48 -4.37
C ALA A 148 -7.04 -14.79 -4.75
N ILE A 149 -7.83 -13.75 -4.94
CA ILE A 149 -9.27 -13.81 -5.27
C ILE A 149 -9.48 -13.34 -6.71
N LEU A 150 -9.80 -14.26 -7.61
CA LEU A 150 -9.77 -13.99 -9.06
C LEU A 150 -11.13 -13.53 -9.54
N PRO A 151 -11.12 -12.69 -10.59
CA PRO A 151 -12.33 -12.29 -11.31
C PRO A 151 -12.73 -13.42 -12.27
N PHE A 152 -13.96 -13.39 -12.75
CA PHE A 152 -14.49 -14.40 -13.70
C PHE A 152 -13.91 -14.13 -15.09
N ASN A 153 -13.53 -12.87 -15.40
CA ASN A 153 -13.40 -12.41 -16.80
C ASN A 153 -11.99 -12.66 -17.37
N PHE A 154 -10.98 -12.86 -16.53
CA PHE A 154 -9.61 -13.25 -16.95
C PHE A 154 -9.10 -14.35 -16.01
N PRO A 155 -9.73 -15.54 -16.04
CA PRO A 155 -9.45 -16.57 -15.05
C PRO A 155 -8.04 -17.14 -15.16
N ILE A 156 -7.43 -17.06 -16.34
CA ILE A 156 -6.07 -17.64 -16.54
C ILE A 156 -5.04 -16.52 -16.39
N ASN A 157 -5.28 -15.33 -16.95
CA ASN A 157 -4.27 -14.24 -16.87
C ASN A 157 -4.30 -13.58 -15.48
N SER A 158 -5.42 -13.53 -14.76
CA SER A 158 -5.42 -12.95 -13.39
C SER A 158 -4.72 -13.96 -12.47
N PHE A 159 -4.89 -15.25 -12.75
CA PHE A 159 -4.12 -16.30 -12.08
C PHE A 159 -2.63 -15.98 -12.22
N ALA A 160 -2.17 -15.73 -13.44
CA ALA A 160 -0.73 -15.53 -13.71
C ALA A 160 -0.25 -14.27 -12.98
N HIS A 161 -1.02 -13.19 -13.02
CA HIS A 161 -0.64 -11.89 -12.40
C HIS A 161 -0.42 -12.06 -10.90
N LYS A 162 -1.17 -12.94 -10.24
CA LYS A 162 -1.14 -13.08 -8.78
C LYS A 162 -0.16 -14.19 -8.40
N VAL A 163 -0.15 -15.29 -9.13
CA VAL A 163 0.66 -16.48 -8.76
C VAL A 163 2.09 -16.34 -9.29
N ALA A 164 2.34 -15.84 -10.51
CA ALA A 164 3.73 -15.86 -11.04
C ALA A 164 4.63 -15.00 -10.15
N PRO A 165 4.27 -13.73 -9.83
CA PRO A 165 5.11 -12.91 -8.94
C PRO A 165 5.32 -13.54 -7.55
N ALA A 166 4.28 -14.16 -7.00
CA ALA A 166 4.28 -14.69 -5.62
C ALA A 166 5.33 -15.79 -5.52
N ILE A 167 5.30 -16.71 -6.49
CA ILE A 167 6.34 -17.76 -6.59
C ILE A 167 7.72 -17.12 -6.80
N ALA A 168 7.86 -16.15 -7.70
CA ALA A 168 9.20 -15.55 -7.95
C ALA A 168 9.76 -15.06 -6.60
N VAL A 169 8.94 -14.52 -5.68
CA VAL A 169 9.51 -13.83 -4.47
C VAL A 169 9.61 -14.81 -3.29
N GLY A 170 8.96 -15.96 -3.38
CA GLY A 170 9.02 -17.00 -2.34
C GLY A 170 7.73 -17.10 -1.51
N ASN A 171 6.62 -16.51 -1.95
CA ASN A 171 5.35 -16.60 -1.19
C ASN A 171 4.63 -17.88 -1.63
N SER A 172 3.78 -18.40 -0.76
CA SER A 172 2.75 -19.41 -1.10
C SER A 172 1.48 -18.65 -1.48
N VAL A 173 0.55 -19.30 -2.17
CA VAL A 173 -0.73 -18.69 -2.58
C VAL A 173 -1.88 -19.67 -2.31
N VAL A 174 -2.93 -19.17 -1.66
CA VAL A 174 -4.28 -19.79 -1.70
C VAL A 174 -5.10 -19.03 -2.74
N VAL A 175 -5.50 -19.72 -3.80
CA VAL A 175 -6.18 -19.13 -4.97
C VAL A 175 -7.66 -19.46 -4.89
N LYS A 176 -8.53 -18.44 -4.83
CA LYS A 176 -10.00 -18.65 -4.94
C LYS A 176 -10.46 -18.08 -6.27
N PRO A 177 -10.65 -18.93 -7.29
CA PRO A 177 -11.20 -18.44 -8.56
C PRO A 177 -12.67 -18.10 -8.33
N SER A 178 -13.23 -17.32 -9.22
CA SER A 178 -14.70 -17.07 -9.27
C SER A 178 -15.40 -18.44 -9.43
N ILE A 179 -16.50 -18.66 -8.72
CA ILE A 179 -17.32 -19.89 -8.84
C ILE A 179 -17.95 -19.94 -10.23
N SER A 180 -18.04 -18.80 -10.94
CA SER A 180 -18.44 -18.77 -12.38
C SER A 180 -17.38 -19.46 -13.27
N THR A 181 -16.09 -19.43 -12.92
CA THR A 181 -15.00 -19.90 -13.82
C THR A 181 -13.85 -20.55 -13.04
N PRO A 182 -14.11 -21.58 -12.22
CA PRO A 182 -13.05 -22.22 -11.44
C PRO A 182 -12.22 -23.30 -12.13
N LEU A 183 -12.67 -23.89 -13.24
CA LEU A 183 -12.01 -25.06 -13.88
C LEU A 183 -10.64 -24.67 -14.45
N SER A 184 -10.51 -23.46 -14.97
CA SER A 184 -9.22 -22.90 -15.44
C SER A 184 -8.19 -23.00 -14.32
N ALA A 185 -8.56 -22.58 -13.11
CA ALA A 185 -7.62 -22.45 -11.97
C ALA A 185 -7.12 -23.84 -11.59
N ILE A 186 -7.98 -24.86 -11.72
CA ILE A 186 -7.67 -26.27 -11.39
C ILE A 186 -6.67 -26.79 -12.42
N GLU A 187 -6.80 -26.40 -13.68
CA GLU A 187 -5.89 -26.88 -14.74
C GLU A 187 -4.56 -26.15 -14.58
N MET A 188 -4.57 -24.91 -14.10
CA MET A 188 -3.31 -24.12 -13.89
C MET A 188 -2.47 -24.80 -12.78
N LYS A 189 -3.11 -25.29 -11.74
CA LYS A 189 -2.42 -25.93 -10.59
C LYS A 189 -1.67 -27.17 -11.09
N LYS A 190 -2.31 -27.96 -11.97
CA LYS A 190 -1.71 -29.20 -12.53
C LYS A 190 -0.50 -28.82 -13.37
N ILE A 191 -0.60 -27.73 -14.13
CA ILE A 191 0.56 -27.24 -14.92
C ILE A 191 1.68 -26.81 -13.95
N LEU A 192 1.36 -26.25 -12.78
CA LEU A 192 2.39 -25.77 -11.83
C LEU A 192 3.14 -27.00 -11.30
N VAL A 193 2.42 -28.08 -11.04
CA VAL A 193 3.01 -29.31 -10.45
C VAL A 193 3.90 -29.97 -11.52
N GLU A 194 3.43 -30.05 -12.78
CA GLU A 194 4.20 -30.59 -13.92
C GLU A 194 5.48 -29.78 -14.10
N ALA A 195 5.48 -28.49 -13.80
CA ALA A 195 6.67 -27.59 -13.92
C ALA A 195 7.64 -27.78 -12.76
N GLY A 196 7.24 -28.51 -11.71
CA GLY A 196 8.11 -28.83 -10.56
C GLY A 196 7.78 -27.99 -9.33
N LEU A 197 6.66 -27.28 -9.30
CA LEU A 197 6.29 -26.52 -8.08
C LEU A 197 5.85 -27.52 -7.01
N PRO A 198 6.37 -27.41 -5.76
CA PRO A 198 5.83 -28.18 -4.62
C PRO A 198 4.30 -28.08 -4.52
N ASP A 199 3.65 -29.22 -4.30
CA ASP A 199 2.18 -29.36 -4.26
C ASP A 199 1.57 -28.37 -3.26
N SER A 200 2.23 -28.13 -2.14
CA SER A 200 1.73 -27.28 -1.04
C SER A 200 1.83 -25.77 -1.34
N ALA A 201 2.60 -25.33 -2.36
CA ALA A 201 2.98 -23.90 -2.54
C ALA A 201 1.83 -23.09 -3.15
N VAL A 202 0.85 -23.73 -3.79
CA VAL A 202 -0.39 -23.07 -4.31
C VAL A 202 -1.58 -24.01 -4.08
N ARG A 203 -2.59 -23.56 -3.37
CA ARG A 203 -3.79 -24.36 -3.02
C ARG A 203 -5.00 -23.73 -3.70
N ILE A 204 -5.71 -24.47 -4.55
CA ILE A 204 -6.97 -23.96 -5.16
C ILE A 204 -8.10 -24.22 -4.17
N VAL A 205 -8.95 -23.22 -3.90
CA VAL A 205 -10.20 -23.39 -3.10
C VAL A 205 -11.40 -22.96 -3.97
N THR A 206 -12.43 -23.80 -3.99
CA THR A 206 -13.72 -23.60 -4.70
C THR A 206 -14.85 -23.63 -3.68
N GLY A 207 -15.88 -22.83 -3.91
CA GLY A 207 -17.00 -22.71 -2.96
C GLY A 207 -17.74 -21.41 -3.16
N TYR A 208 -18.79 -21.21 -2.39
CA TYR A 208 -19.61 -19.97 -2.40
C TYR A 208 -18.94 -18.97 -1.46
N SER A 209 -18.82 -17.72 -1.89
CA SER A 209 -18.16 -16.60 -1.16
C SER A 209 -18.69 -16.51 0.27
N ASN A 210 -19.98 -16.73 0.48
CA ASN A 210 -20.68 -16.59 1.80
C ASN A 210 -20.29 -17.72 2.76
N GLU A 211 -19.66 -18.80 2.29
CA GLU A 211 -19.18 -19.92 3.15
C GLU A 211 -17.65 -19.88 3.35
N ILE A 212 -16.88 -19.53 2.33
CA ILE A 212 -15.40 -19.64 2.37
C ILE A 212 -14.70 -18.26 2.26
N GLY A 213 -15.42 -17.21 1.88
CA GLY A 213 -14.86 -15.85 1.70
C GLY A 213 -14.04 -15.44 2.91
N ASP A 214 -14.65 -15.52 4.11
CA ASP A 214 -14.17 -14.85 5.34
C ASP A 214 -12.85 -15.47 5.85
N GLU A 215 -12.77 -16.78 5.94
CA GLU A 215 -11.55 -17.54 6.35
C GLU A 215 -10.32 -17.12 5.52
N LEU A 216 -10.49 -16.89 4.20
CA LEU A 216 -9.40 -16.51 3.28
C LEU A 216 -8.87 -15.11 3.60
N ILE A 217 -9.67 -14.28 4.29
CA ILE A 217 -9.34 -12.86 4.60
C ILE A 217 -8.86 -12.72 6.04
N THR A 218 -9.32 -13.60 6.96
CA THR A 218 -9.17 -13.40 8.43
C THR A 218 -8.13 -14.38 9.02
N HIS A 219 -7.84 -15.52 8.38
CA HIS A 219 -6.91 -16.51 8.99
C HIS A 219 -5.62 -15.82 9.39
N PRO A 220 -5.08 -16.06 10.61
CA PRO A 220 -3.86 -15.38 11.05
C PRO A 220 -2.64 -15.71 10.16
N LEU A 221 -2.69 -16.78 9.37
CA LEU A 221 -1.49 -17.19 8.59
C LEU A 221 -1.46 -16.46 7.25
N VAL A 222 -2.51 -15.70 6.90
CA VAL A 222 -2.61 -14.96 5.60
C VAL A 222 -1.87 -13.62 5.82
N GLY A 223 -0.84 -13.35 5.03
CA GLY A 223 -0.04 -12.11 5.12
C GLY A 223 -0.58 -11.02 4.22
N LEU A 224 -1.28 -11.38 3.15
CA LEU A 224 -1.59 -10.44 2.04
C LEU A 224 -2.78 -10.97 1.26
N ILE A 225 -3.60 -10.06 0.77
CA ILE A 225 -4.79 -10.35 -0.07
C ILE A 225 -4.68 -9.54 -1.36
N THR A 226 -4.61 -10.23 -2.50
CA THR A 226 -4.68 -9.60 -3.82
C THR A 226 -5.99 -10.02 -4.47
N LEU A 227 -6.75 -9.04 -4.93
CA LEU A 227 -8.11 -9.21 -5.44
C LEU A 227 -8.32 -8.36 -6.71
N THR A 228 -8.82 -9.00 -7.76
CA THR A 228 -9.45 -8.30 -8.90
C THR A 228 -10.95 -8.60 -8.81
N GLY A 229 -11.82 -7.59 -8.91
CA GLY A 229 -13.29 -7.72 -8.74
C GLY A 229 -13.97 -6.36 -8.76
N SER A 230 -15.19 -6.27 -8.25
CA SER A 230 -15.98 -5.00 -8.22
C SER A 230 -15.52 -4.15 -7.04
N THR A 231 -15.80 -2.85 -7.10
CA THR A 231 -15.46 -1.83 -6.07
C THR A 231 -16.18 -2.19 -4.76
N GLN A 232 -17.49 -2.45 -4.79
CA GLN A 232 -18.29 -2.71 -3.56
C GLN A 232 -17.68 -3.89 -2.78
N THR A 233 -17.48 -5.02 -3.46
CA THR A 233 -16.96 -6.30 -2.89
C THR A 233 -15.52 -6.09 -2.39
N GLY A 234 -14.68 -5.45 -3.20
CA GLY A 234 -13.26 -5.19 -2.93
C GLY A 234 -13.04 -4.33 -1.70
N LEU A 235 -13.69 -3.16 -1.64
CA LEU A 235 -13.43 -2.19 -0.54
C LEU A 235 -13.88 -2.80 0.80
N ALA A 236 -14.92 -3.65 0.83
CA ALA A 236 -15.36 -4.35 2.06
C ALA A 236 -14.27 -5.33 2.50
N ILE A 237 -13.76 -6.13 1.55
CA ILE A 237 -12.75 -7.17 1.84
C ILE A 237 -11.47 -6.46 2.33
N ALA A 238 -11.04 -5.41 1.61
CA ALA A 238 -9.82 -4.63 1.92
C ALA A 238 -9.87 -4.10 3.35
N SER A 239 -11.02 -3.54 3.72
CA SER A 239 -11.32 -3.01 5.07
C SER A 239 -11.08 -4.10 6.12
N LYS A 240 -11.63 -5.28 5.90
CA LYS A 240 -11.44 -6.43 6.82
C LYS A 240 -9.95 -6.83 6.85
N ALA A 241 -9.31 -7.00 5.70
CA ALA A 241 -7.88 -7.40 5.68
C ALA A 241 -7.07 -6.42 6.52
N VAL A 242 -7.27 -5.12 6.28
CA VAL A 242 -6.41 -4.06 6.85
C VAL A 242 -6.62 -3.95 8.38
N SER A 243 -7.86 -4.20 8.86
CA SER A 243 -8.26 -4.25 10.29
C SER A 243 -7.41 -5.28 11.06
N LEU A 244 -6.89 -6.32 10.39
CA LEU A 244 -6.08 -7.38 11.04
C LEU A 244 -4.60 -7.22 10.67
N GLY A 245 -4.18 -6.09 10.11
CA GLY A 245 -2.77 -5.80 9.80
C GLY A 245 -2.28 -6.48 8.52
N LYS A 246 -3.19 -6.97 7.66
CA LYS A 246 -2.80 -7.69 6.42
C LYS A 246 -2.60 -6.69 5.28
N ARG A 247 -1.66 -6.96 4.36
CA ARG A 247 -1.39 -6.12 3.16
C ARG A 247 -2.48 -6.46 2.13
N ILE A 248 -2.73 -5.55 1.18
CA ILE A 248 -3.83 -5.61 0.18
C ILE A 248 -3.28 -5.04 -1.14
N ILE A 249 -3.55 -5.72 -2.25
CA ILE A 249 -3.49 -5.22 -3.66
C ILE A 249 -4.91 -5.41 -4.19
N MET A 250 -5.51 -4.35 -4.72
CA MET A 250 -6.90 -4.34 -5.22
C MET A 250 -6.93 -3.73 -6.60
N GLU A 251 -7.40 -4.48 -7.60
CA GLU A 251 -7.69 -4.03 -8.99
C GLU A 251 -9.21 -4.08 -9.15
N LEU A 252 -9.88 -2.96 -8.99
CA LEU A 252 -11.37 -2.92 -8.94
C LEU A 252 -11.88 -2.30 -10.25
N GLY A 253 -13.10 -1.81 -10.27
CA GLY A 253 -13.77 -1.43 -11.54
C GLY A 253 -13.11 -0.29 -12.32
N GLY A 254 -13.55 -0.14 -13.57
CA GLY A 254 -13.36 1.05 -14.41
C GLY A 254 -14.63 1.40 -15.16
N SER A 255 -14.78 2.69 -15.49
CA SER A 255 -15.68 3.19 -16.56
C SER A 255 -14.83 4.05 -17.49
N ASP A 256 -13.86 3.45 -18.17
CA ASP A 256 -12.86 4.17 -19.01
C ASP A 256 -13.55 4.96 -20.13
N PRO A 257 -13.31 6.28 -20.22
CA PRO A 257 -13.81 7.08 -21.32
C PRO A 257 -12.91 7.03 -22.56
N ILE A 258 -13.54 7.06 -23.74
CA ILE A 258 -12.86 7.28 -25.04
C ILE A 258 -13.28 8.69 -25.46
N ILE A 259 -12.31 9.58 -25.62
CA ILE A 259 -12.52 10.98 -26.05
C ILE A 259 -12.12 11.04 -27.52
N VAL A 260 -13.07 11.42 -28.38
CA VAL A 260 -12.88 11.58 -29.85
C VAL A 260 -12.99 13.06 -30.20
N LEU A 261 -11.86 13.68 -30.54
CA LEU A 261 -11.81 15.13 -30.89
C LEU A 261 -12.10 15.29 -32.38
N GLU A 262 -12.45 16.52 -32.78
CA GLU A 262 -13.01 16.81 -34.13
C GLU A 262 -11.95 16.50 -35.18
N ASP A 263 -10.66 16.50 -34.82
CA ASP A 263 -9.55 16.18 -35.77
C ASP A 263 -9.16 14.71 -35.69
N ALA A 264 -10.00 13.84 -35.11
CA ALA A 264 -9.71 12.40 -34.99
C ALA A 264 -9.80 11.77 -36.38
N ASN A 265 -9.09 10.66 -36.58
CA ASN A 265 -9.35 9.70 -37.67
C ASN A 265 -10.62 8.94 -37.28
N ILE A 266 -11.74 9.25 -37.91
CA ILE A 266 -13.08 8.71 -37.51
C ILE A 266 -13.12 7.19 -37.74
N ASP A 267 -12.48 6.71 -38.82
CA ASP A 267 -12.51 5.28 -39.19
C ASP A 267 -11.81 4.49 -38.09
N ARG A 268 -10.60 4.91 -37.72
CA ARG A 268 -9.79 4.28 -36.66
C ARG A 268 -10.51 4.38 -35.31
N ALA A 269 -11.01 5.56 -34.96
CA ALA A 269 -11.59 5.84 -33.62
C ALA A 269 -12.85 4.98 -33.46
N SER A 270 -13.70 4.92 -34.47
CA SER A 270 -14.95 4.13 -34.42
C SER A 270 -14.63 2.62 -34.38
N SER A 271 -13.65 2.15 -35.16
CA SER A 271 -13.25 0.71 -35.14
C SER A 271 -12.75 0.34 -33.74
N ILE A 272 -11.88 1.16 -33.16
CA ILE A 272 -11.24 0.85 -31.86
C ILE A 272 -12.29 0.97 -30.77
N ALA A 273 -13.17 1.96 -30.85
CA ALA A 273 -14.26 2.12 -29.85
C ALA A 273 -15.13 0.87 -29.87
N VAL A 274 -15.51 0.36 -31.07
CA VAL A 274 -16.44 -0.80 -31.16
C VAL A 274 -15.77 -1.98 -30.44
N ARG A 275 -14.51 -2.22 -30.78
CA ARG A 275 -13.73 -3.36 -30.27
C ARG A 275 -13.53 -3.16 -28.76
N ALA A 276 -13.16 -1.96 -28.33
CA ALA A 276 -12.91 -1.66 -26.90
C ALA A 276 -14.22 -1.85 -26.10
N ARG A 277 -15.37 -1.39 -26.59
CA ARG A 277 -16.65 -1.54 -25.83
C ARG A 277 -17.11 -3.02 -25.79
N TYR A 278 -16.98 -3.82 -26.87
CA TYR A 278 -17.80 -5.06 -27.04
C TYR A 278 -16.96 -6.34 -27.02
N GLU A 279 -15.64 -6.25 -27.18
CA GLU A 279 -14.75 -7.39 -26.82
C GLU A 279 -15.29 -8.07 -25.54
N TYR A 280 -15.41 -9.39 -25.59
CA TYR A 280 -15.88 -10.25 -24.49
C TYR A 280 -17.20 -9.69 -23.92
N ALA A 281 -18.09 -9.25 -24.81
CA ALA A 281 -19.41 -8.65 -24.51
C ALA A 281 -19.28 -7.52 -23.50
N GLY A 282 -18.18 -6.76 -23.56
CA GLY A 282 -17.96 -5.59 -22.69
C GLY A 282 -17.41 -5.89 -21.31
N GLN A 283 -17.14 -7.15 -20.99
CA GLN A 283 -16.75 -7.59 -19.61
C GLN A 283 -15.25 -7.40 -19.43
N ASN A 284 -14.76 -6.15 -19.53
CA ASN A 284 -13.35 -5.81 -19.29
C ASN A 284 -13.28 -4.62 -18.33
N CYS A 285 -12.43 -4.71 -17.31
CA CYS A 285 -12.14 -3.59 -16.35
C CYS A 285 -11.79 -2.34 -17.16
N ASN A 286 -11.04 -2.47 -18.28
CA ASN A 286 -10.61 -1.34 -19.16
C ASN A 286 -11.28 -1.36 -20.55
N ALA A 287 -12.48 -1.90 -20.66
CA ALA A 287 -13.34 -1.71 -21.85
C ALA A 287 -13.57 -0.20 -22.05
N GLY A 288 -13.82 0.27 -23.27
CA GLY A 288 -14.26 1.67 -23.51
C GLY A 288 -15.73 1.81 -23.13
N LYS A 289 -16.05 2.21 -21.90
CA LYS A 289 -17.42 2.09 -21.34
C LYS A 289 -18.25 3.36 -21.57
N ARG A 290 -17.60 4.51 -21.73
CA ARG A 290 -18.27 5.82 -21.96
C ARG A 290 -17.57 6.44 -23.17
N ILE A 291 -18.31 6.76 -24.24
CA ILE A 291 -17.73 7.37 -25.48
C ILE A 291 -18.12 8.84 -25.57
N ILE A 292 -17.12 9.72 -25.72
CA ILE A 292 -17.26 11.20 -25.63
C ILE A 292 -16.71 11.74 -26.94
N VAL A 293 -17.59 12.34 -27.76
CA VAL A 293 -17.35 12.69 -29.19
C VAL A 293 -17.69 14.16 -29.34
N ARG A 294 -16.77 14.92 -29.93
CA ARG A 294 -16.95 16.35 -30.24
C ARG A 294 -18.11 16.43 -31.25
N GLU A 295 -19.04 17.37 -31.05
CA GLU A 295 -20.32 17.50 -31.82
C GLU A 295 -20.04 17.63 -33.31
N GLU A 296 -18.93 18.25 -33.69
CA GLU A 296 -18.58 18.52 -35.11
C GLU A 296 -18.50 17.20 -35.90
N ILE A 297 -18.19 16.06 -35.24
CA ILE A 297 -18.02 14.75 -35.94
C ILE A 297 -19.00 13.72 -35.37
N TYR A 298 -19.96 14.13 -34.56
CA TYR A 298 -20.83 13.22 -33.79
C TYR A 298 -21.56 12.27 -34.76
N ASP A 299 -22.23 12.79 -35.79
CA ASP A 299 -23.09 12.03 -36.74
C ASP A 299 -22.27 11.08 -37.59
N LYS A 300 -21.13 11.54 -38.12
CA LYS A 300 -20.17 10.66 -38.85
C LYS A 300 -19.70 9.53 -37.90
N PHE A 301 -19.29 9.86 -36.67
CA PHE A 301 -18.78 8.84 -35.72
C PHE A 301 -19.90 7.81 -35.43
N VAL A 302 -21.07 8.29 -34.99
CA VAL A 302 -22.18 7.39 -34.58
C VAL A 302 -22.60 6.51 -35.76
N LYS A 303 -22.63 7.03 -36.99
CA LYS A 303 -22.99 6.19 -38.18
C LYS A 303 -21.92 5.12 -38.43
N ALA A 304 -20.63 5.48 -38.36
CA ALA A 304 -19.52 4.50 -38.52
C ALA A 304 -19.58 3.43 -37.41
N PHE A 305 -19.93 3.84 -36.19
CA PHE A 305 -19.95 2.96 -35.00
C PHE A 305 -21.07 1.92 -35.18
N LYS A 306 -22.27 2.39 -35.49
CA LYS A 306 -23.48 1.56 -35.70
C LYS A 306 -23.19 0.52 -36.79
N GLU A 307 -22.60 0.93 -37.92
CA GLU A 307 -22.30 0.00 -39.04
C GLU A 307 -21.43 -1.12 -38.51
N LYS A 308 -20.41 -0.77 -37.71
CA LYS A 308 -19.36 -1.74 -37.32
C LYS A 308 -19.93 -2.69 -36.28
N VAL A 309 -20.88 -2.24 -35.45
CA VAL A 309 -21.52 -3.09 -34.40
C VAL A 309 -22.48 -4.10 -35.05
N LYS A 310 -23.25 -3.70 -36.07
CA LYS A 310 -24.19 -4.59 -36.81
C LYS A 310 -23.41 -5.65 -37.58
N ALA A 311 -22.18 -5.35 -38.01
CA ALA A 311 -21.31 -6.29 -38.76
C ALA A 311 -20.65 -7.35 -37.85
N LEU A 312 -20.62 -7.20 -36.51
CA LEU A 312 -20.01 -8.22 -35.60
C LEU A 312 -20.86 -9.49 -35.62
N LYS A 313 -20.23 -10.67 -35.49
CA LYS A 313 -20.91 -11.99 -35.29
C LYS A 313 -21.05 -12.27 -33.79
N VAL A 314 -22.27 -12.18 -33.25
CA VAL A 314 -22.59 -12.64 -31.87
C VAL A 314 -23.02 -14.12 -31.97
N GLY A 315 -22.38 -15.02 -31.21
CA GLY A 315 -22.68 -16.47 -31.26
C GLY A 315 -21.72 -17.29 -30.43
N ASP A 316 -21.63 -18.59 -30.77
CA ASP A 316 -20.90 -19.64 -30.01
C ASP A 316 -19.42 -19.27 -29.96
N PRO A 317 -18.83 -19.13 -28.75
CA PRO A 317 -17.42 -18.75 -28.64
C PRO A 317 -16.43 -19.82 -29.12
N LEU A 318 -16.86 -21.08 -29.26
CA LEU A 318 -16.01 -22.15 -29.84
C LEU A 318 -15.91 -21.97 -31.36
N ASP A 319 -16.82 -21.23 -32.00
CA ASP A 319 -16.81 -20.98 -33.46
C ASP A 319 -15.72 -19.95 -33.80
N GLU A 320 -14.94 -20.21 -34.84
CA GLU A 320 -13.80 -19.36 -35.28
C GLU A 320 -14.30 -18.00 -35.75
N SER A 321 -15.51 -17.96 -36.33
CA SER A 321 -16.09 -16.74 -36.93
C SER A 321 -16.84 -15.94 -35.88
N THR A 322 -16.84 -16.36 -34.61
CA THR A 322 -17.60 -15.62 -33.57
C THR A 322 -16.75 -14.43 -33.12
N ASP A 323 -17.33 -13.24 -33.14
CA ASP A 323 -16.73 -11.98 -32.61
C ASP A 323 -17.06 -11.85 -31.12
N ILE A 324 -18.33 -11.99 -30.75
CA ILE A 324 -18.85 -11.68 -29.39
C ILE A 324 -19.62 -12.91 -28.88
N GLY A 325 -19.41 -13.26 -27.61
CA GLY A 325 -20.14 -14.34 -26.93
C GLY A 325 -21.19 -13.78 -26.00
N PRO A 326 -21.69 -14.60 -25.05
CA PRO A 326 -22.62 -14.12 -24.05
C PRO A 326 -21.94 -13.35 -22.90
N VAL A 327 -22.73 -12.69 -22.06
CA VAL A 327 -22.33 -12.30 -20.69
C VAL A 327 -22.35 -13.56 -19.84
N ILE A 328 -21.86 -13.47 -18.60
CA ILE A 328 -21.44 -14.63 -17.79
C ILE A 328 -22.68 -15.31 -17.18
N ASN A 329 -23.70 -14.59 -16.74
CA ASN A 329 -24.82 -15.25 -16.04
C ASN A 329 -26.07 -14.38 -16.02
N GLN A 330 -27.15 -14.95 -15.47
CA GLN A 330 -28.51 -14.32 -15.39
C GLN A 330 -28.42 -13.03 -14.57
N GLU A 331 -27.68 -13.05 -13.47
CA GLU A 331 -27.45 -11.87 -12.58
C GLU A 331 -26.96 -10.69 -13.43
N SER A 332 -26.03 -10.93 -14.35
CA SER A 332 -25.47 -9.87 -15.21
C SER A 332 -26.55 -9.38 -16.19
N VAL A 333 -27.25 -10.29 -16.87
CA VAL A 333 -28.39 -9.97 -17.79
C VAL A 333 -29.34 -9.04 -17.04
N GLU A 334 -29.69 -9.38 -15.81
CA GLU A 334 -30.67 -8.58 -15.00
C GLU A 334 -30.09 -7.18 -14.76
N LYS A 335 -28.82 -7.09 -14.37
CA LYS A 335 -28.19 -5.78 -14.03
C LYS A 335 -28.21 -4.89 -15.29
N LEU A 336 -27.92 -5.48 -16.46
CA LEU A 336 -27.83 -4.77 -17.75
C LEU A 336 -29.22 -4.27 -18.21
N ASN A 337 -30.28 -5.05 -17.99
CA ASN A 337 -31.69 -4.63 -18.23
C ASN A 337 -32.03 -3.46 -17.30
N LYS A 338 -31.72 -3.54 -16.00
CA LYS A 338 -31.92 -2.39 -15.06
C LYS A 338 -31.33 -1.13 -15.70
N ALA A 339 -30.13 -1.26 -16.26
CA ALA A 339 -29.34 -0.16 -16.84
C ALA A 339 -30.06 0.42 -18.06
N LEU A 340 -30.53 -0.44 -18.97
CA LEU A 340 -31.27 -0.02 -20.19
C LEU A 340 -32.61 0.60 -19.80
N GLU A 341 -33.32 0.01 -18.83
CA GLU A 341 -34.61 0.56 -18.32
C GLU A 341 -34.34 1.94 -17.73
N ASP A 342 -33.40 2.04 -16.78
CA ASP A 342 -33.01 3.32 -16.15
C ASP A 342 -32.83 4.40 -17.23
N ALA A 343 -32.19 4.06 -18.35
CA ALA A 343 -31.73 5.03 -19.37
C ALA A 343 -32.92 5.49 -20.22
N GLN A 344 -33.78 4.55 -20.62
CA GLN A 344 -35.06 4.86 -21.32
C GLN A 344 -35.93 5.75 -20.44
N SER A 345 -35.93 5.51 -19.13
CA SER A 345 -36.84 6.18 -18.17
C SER A 345 -36.36 7.62 -17.92
N LYS A 346 -35.15 8.00 -18.39
CA LYS A 346 -34.53 9.32 -18.12
C LYS A 346 -34.21 10.05 -19.44
N GLY A 347 -34.84 9.66 -20.54
CA GLY A 347 -34.73 10.38 -21.83
C GLY A 347 -33.70 9.77 -22.77
N GLY A 348 -33.11 8.63 -22.40
CA GLY A 348 -32.11 7.96 -23.26
C GLY A 348 -32.76 7.29 -24.45
N ASN A 349 -32.09 7.34 -25.61
CA ASN A 349 -32.45 6.62 -26.87
C ASN A 349 -31.65 5.30 -26.94
N VAL A 350 -32.23 4.22 -26.39
CA VAL A 350 -31.67 2.84 -26.47
C VAL A 350 -31.91 2.28 -27.87
N GLU A 351 -30.87 1.84 -28.57
CA GLU A 351 -31.02 1.08 -29.83
C GLU A 351 -30.28 -0.26 -29.73
N VAL A 352 -31.01 -1.37 -29.90
CA VAL A 352 -30.42 -2.73 -30.10
C VAL A 352 -29.85 -2.78 -31.52
N LEU A 353 -28.57 -3.10 -31.65
CA LEU A 353 -27.79 -3.08 -32.92
C LEU A 353 -27.49 -4.51 -33.36
N ASN A 354 -27.42 -5.47 -32.44
CA ASN A 354 -26.95 -6.84 -32.79
C ASN A 354 -27.43 -7.81 -31.72
N LYS A 355 -28.08 -8.88 -32.14
CA LYS A 355 -28.72 -9.88 -31.24
C LYS A 355 -28.05 -11.22 -31.53
N GLY A 356 -27.71 -11.98 -30.49
CA GLY A 356 -27.15 -13.34 -30.59
C GLY A 356 -28.21 -14.39 -30.29
N PRO A 357 -27.85 -15.69 -30.30
CA PRO A 357 -28.82 -16.77 -30.13
C PRO A 357 -29.60 -16.67 -28.81
N GLU A 358 -30.67 -17.46 -28.67
CA GLU A 358 -31.56 -17.40 -27.49
C GLU A 358 -31.24 -18.60 -26.58
N THR A 359 -29.99 -19.07 -26.59
CA THR A 359 -29.56 -20.34 -25.97
C THR A 359 -29.14 -20.16 -24.51
N GLY A 360 -28.75 -18.95 -24.07
CA GLY A 360 -27.98 -18.80 -22.83
C GLY A 360 -28.07 -17.42 -22.20
N TYR A 361 -26.95 -16.70 -22.09
CA TYR A 361 -26.90 -15.31 -21.55
C TYR A 361 -26.34 -14.36 -22.60
N PHE A 362 -26.77 -14.53 -23.85
CA PHE A 362 -26.49 -13.60 -24.95
C PHE A 362 -27.25 -12.33 -24.64
N PHE A 363 -26.54 -11.21 -24.59
CA PHE A 363 -27.14 -9.89 -24.32
C PHE A 363 -27.00 -9.09 -25.60
N PRO A 364 -28.08 -8.41 -26.06
CA PRO A 364 -28.03 -7.63 -27.29
C PRO A 364 -26.97 -6.52 -27.24
N LEU A 365 -26.11 -6.43 -28.25
CA LEU A 365 -25.18 -5.28 -28.40
C LEU A 365 -26.04 -4.03 -28.59
N SER A 366 -25.87 -3.05 -27.72
CA SER A 366 -26.83 -1.96 -27.51
C SER A 366 -26.10 -0.61 -27.53
N LEU A 367 -26.79 0.45 -28.01
CA LEU A 367 -26.28 1.83 -28.08
C LEU A 367 -27.26 2.74 -27.33
N VAL A 368 -26.76 3.62 -26.46
CA VAL A 368 -27.56 4.70 -25.80
C VAL A 368 -27.03 6.04 -26.26
N THR A 369 -27.90 6.84 -26.90
CA THR A 369 -27.66 8.24 -27.35
C THR A 369 -28.46 9.12 -26.40
N ASN A 370 -28.08 10.39 -26.27
CA ASN A 370 -28.65 11.38 -25.31
C ASN A 370 -28.62 10.80 -23.90
N PRO A 371 -27.49 10.22 -23.44
CA PRO A 371 -27.38 9.80 -22.05
C PRO A 371 -27.26 11.06 -21.19
N SER A 372 -27.47 10.93 -19.90
CA SER A 372 -27.27 12.04 -18.94
C SER A 372 -26.52 11.48 -17.73
N LEU A 373 -25.86 12.37 -16.99
CA LEU A 373 -24.94 12.03 -15.87
C LEU A 373 -25.69 11.40 -14.70
N ASP A 374 -27.02 11.40 -14.69
CA ASP A 374 -27.78 10.74 -13.57
C ASP A 374 -28.21 9.32 -13.98
N MET A 375 -27.72 8.82 -15.12
CA MET A 375 -28.05 7.45 -15.59
C MET A 375 -27.02 6.45 -15.07
N LEU A 376 -27.48 5.23 -14.76
CA LEU A 376 -26.60 4.09 -14.44
C LEU A 376 -25.51 3.93 -15.51
N VAL A 377 -25.78 4.18 -16.81
CA VAL A 377 -24.79 3.96 -17.93
C VAL A 377 -23.62 4.97 -17.86
N LEU A 378 -23.80 6.10 -17.18
CA LEU A 378 -22.68 7.08 -17.09
C LEU A 378 -22.10 7.13 -15.67
N LYS A 379 -22.76 6.57 -14.65
CA LYS A 379 -22.29 6.79 -13.26
C LYS A 379 -21.79 5.49 -12.61
N THR A 380 -22.14 4.31 -13.15
CA THR A 380 -21.67 2.99 -12.65
C THR A 380 -20.92 2.24 -13.76
N GLU A 381 -20.18 1.20 -13.38
CA GLU A 381 -19.45 0.28 -14.30
C GLU A 381 -20.48 -0.60 -15.01
N ILE A 382 -20.65 -0.44 -16.32
CA ILE A 382 -21.52 -1.34 -17.14
C ILE A 382 -20.64 -2.46 -17.73
N PHE A 383 -20.69 -3.63 -17.11
CA PHE A 383 -19.94 -4.86 -17.45
C PHE A 383 -20.81 -5.68 -18.42
N GLY A 384 -21.10 -5.10 -19.59
CA GLY A 384 -22.02 -5.66 -20.60
C GLY A 384 -22.00 -4.80 -21.85
N PRO A 385 -22.65 -5.27 -22.96
CA PRO A 385 -22.46 -4.69 -24.29
C PRO A 385 -23.43 -3.53 -24.54
N ILE A 386 -23.32 -2.50 -23.68
CA ILE A 386 -24.11 -1.23 -23.77
C ILE A 386 -23.13 -0.08 -23.95
N ALA A 387 -23.18 0.57 -25.11
CA ALA A 387 -22.32 1.74 -25.44
C ALA A 387 -23.11 3.03 -25.28
N PRO A 388 -22.87 3.82 -24.23
CA PRO A 388 -23.33 5.20 -24.19
C PRO A 388 -22.37 6.13 -24.94
N ILE A 389 -22.91 6.97 -25.83
CA ILE A 389 -22.16 7.99 -26.60
C ILE A 389 -22.73 9.36 -26.23
N VAL A 390 -21.86 10.28 -25.82
CA VAL A 390 -22.14 11.66 -25.36
C VAL A 390 -21.48 12.60 -26.36
N SER A 391 -22.22 13.61 -26.80
CA SER A 391 -21.77 14.76 -27.61
C SER A 391 -21.26 15.85 -26.67
N VAL A 392 -20.11 16.43 -26.96
CA VAL A 392 -19.61 17.63 -26.23
C VAL A 392 -19.20 18.74 -27.22
N LYS A 393 -19.13 19.98 -26.73
CA LYS A 393 -18.80 21.20 -27.52
C LYS A 393 -17.31 21.53 -27.41
N SER A 394 -16.69 21.24 -26.26
CA SER A 394 -15.33 21.70 -25.90
C SER A 394 -14.50 20.54 -25.35
N ASP A 395 -13.18 20.73 -25.38
CA ASP A 395 -12.18 19.91 -24.66
C ASP A 395 -12.50 19.97 -23.16
N GLU A 396 -12.76 21.15 -22.63
CA GLU A 396 -13.09 21.33 -21.20
C GLU A 396 -14.28 20.42 -20.84
N GLU A 397 -15.33 20.38 -21.65
CA GLU A 397 -16.53 19.53 -21.34
C GLU A 397 -16.18 18.05 -21.50
N ALA A 398 -15.27 17.73 -22.42
CA ALA A 398 -14.79 16.35 -22.65
C ALA A 398 -14.10 15.90 -21.37
N ILE A 399 -13.25 16.77 -20.81
CA ILE A 399 -12.48 16.50 -19.57
C ILE A 399 -13.41 16.33 -18.37
N ASN A 400 -14.40 17.21 -18.20
CA ASN A 400 -15.30 17.15 -17.02
C ASN A 400 -16.10 15.86 -17.10
N ILE A 401 -16.72 15.54 -18.23
CA ILE A 401 -17.53 14.28 -18.33
C ILE A 401 -16.63 13.07 -18.07
N ALA A 402 -15.40 13.05 -18.63
CA ALA A 402 -14.41 11.95 -18.46
C ALA A 402 -14.09 11.73 -16.98
N ASN A 403 -13.95 12.81 -16.22
CA ASN A 403 -13.53 12.78 -14.79
C ASN A 403 -14.75 12.60 -13.89
N SER A 404 -15.95 12.62 -14.44
CA SER A 404 -17.20 12.75 -13.64
C SER A 404 -17.59 11.42 -13.00
N THR A 405 -16.70 10.43 -12.96
CA THR A 405 -16.99 9.10 -12.37
C THR A 405 -16.12 8.91 -11.12
N GLU A 406 -16.49 7.99 -10.23
CA GLU A 406 -15.66 7.56 -9.05
C GLU A 406 -14.51 6.65 -9.50
N TYR A 407 -14.43 6.33 -10.79
CA TYR A 407 -13.36 5.45 -11.36
C TYR A 407 -12.23 6.30 -11.93
N GLY A 408 -11.08 5.67 -12.17
CA GLY A 408 -9.89 6.32 -12.78
C GLY A 408 -8.87 5.32 -13.26
N LEU A 409 -9.28 4.36 -14.04
CA LEU A 409 -8.37 3.30 -14.47
C LEU A 409 -7.59 3.78 -15.70
N GLN A 410 -8.22 3.81 -16.88
CA GLN A 410 -7.53 4.22 -18.12
C GLN A 410 -8.48 5.11 -18.92
N SER A 411 -7.95 5.87 -19.86
CA SER A 411 -8.76 6.78 -20.70
C SER A 411 -8.03 6.93 -22.03
N ALA A 412 -8.76 7.03 -23.16
CA ALA A 412 -8.13 7.15 -24.48
C ALA A 412 -8.55 8.49 -25.10
N ILE A 413 -7.62 9.14 -25.81
CA ILE A 413 -7.85 10.34 -26.64
C ILE A 413 -7.49 10.02 -28.09
N PHE A 414 -8.42 10.33 -28.99
CA PHE A 414 -8.28 10.27 -30.46
C PHE A 414 -8.22 11.68 -31.00
N SER A 415 -7.09 12.02 -31.63
CA SER A 415 -6.77 13.34 -32.21
C SER A 415 -5.53 13.17 -33.09
N ASN A 416 -5.47 13.77 -34.26
CA ASN A 416 -4.19 13.86 -35.03
C ASN A 416 -3.26 14.88 -34.37
N ASP A 417 -3.75 15.70 -33.43
CA ASP A 417 -2.95 16.73 -32.73
C ASP A 417 -2.42 16.17 -31.39
N VAL A 418 -1.20 15.62 -31.35
CA VAL A 418 -0.64 14.95 -30.14
C VAL A 418 -0.26 15.99 -29.07
N ASN A 419 0.17 17.17 -29.50
CA ASN A 419 0.50 18.29 -28.58
C ASN A 419 -0.76 18.62 -27.76
N ARG A 420 -1.91 18.69 -28.42
CA ARG A 420 -3.23 18.95 -27.79
C ARG A 420 -3.62 17.77 -26.89
N ALA A 421 -3.42 16.53 -27.34
CA ALA A 421 -3.84 15.36 -26.55
C ALA A 421 -2.98 15.28 -25.28
N LEU A 422 -1.69 15.61 -25.39
CA LEU A 422 -0.76 15.57 -24.21
C LEU A 422 -1.24 16.59 -23.16
N LYS A 423 -1.79 17.73 -23.60
CA LYS A 423 -2.26 18.80 -22.68
C LYS A 423 -3.57 18.37 -22.00
N ILE A 424 -4.50 17.75 -22.73
CA ILE A 424 -5.73 17.16 -22.13
C ILE A 424 -5.32 16.06 -21.13
N ALA A 425 -4.26 15.29 -21.43
CA ALA A 425 -3.84 14.14 -20.60
C ALA A 425 -3.44 14.60 -19.17
N LYS A 426 -2.83 15.77 -19.03
CA LYS A 426 -2.46 16.37 -17.71
C LYS A 426 -3.71 16.57 -16.83
N GLU A 427 -4.88 16.80 -17.43
CA GLU A 427 -6.13 17.09 -16.67
C GLU A 427 -7.04 15.87 -16.55
N LEU A 428 -6.65 14.69 -17.07
CA LEU A 428 -7.45 13.44 -16.91
C LEU A 428 -6.94 12.67 -15.68
N LYS A 429 -7.85 12.42 -14.73
CA LYS A 429 -7.56 11.74 -13.44
C LYS A 429 -7.65 10.22 -13.67
N PHE A 430 -6.67 9.67 -14.40
CA PHE A 430 -6.62 8.21 -14.69
C PHE A 430 -5.19 7.69 -14.51
N GLY A 431 -5.08 6.40 -14.17
CA GLY A 431 -3.79 5.68 -14.01
C GLY A 431 -3.06 5.56 -15.32
N ALA A 432 -3.78 5.58 -16.45
CA ALA A 432 -3.13 5.63 -17.78
C ALA A 432 -4.03 6.42 -18.75
N ILE A 433 -3.38 7.23 -19.58
CA ILE A 433 -4.01 7.89 -20.74
C ILE A 433 -3.37 7.30 -21.99
N ILE A 434 -4.20 6.86 -22.92
CA ILE A 434 -3.81 6.26 -24.22
C ILE A 434 -4.18 7.24 -25.33
N ILE A 435 -3.17 7.73 -26.06
CA ILE A 435 -3.29 8.67 -27.19
C ILE A 435 -3.29 7.86 -28.50
N ASN A 436 -4.42 7.92 -29.21
CA ASN A 436 -4.68 7.29 -30.52
C ASN A 436 -4.59 5.77 -30.42
N ASP A 437 -5.11 5.21 -29.33
CA ASP A 437 -5.26 3.75 -29.19
C ASP A 437 -6.32 3.45 -28.12
N SER A 438 -6.52 2.15 -27.84
CA SER A 438 -7.65 1.56 -27.08
C SER A 438 -7.48 1.75 -25.57
N THR A 439 -8.59 1.85 -24.84
CA THR A 439 -8.58 1.77 -23.35
C THR A 439 -8.07 0.39 -22.89
N ARG A 440 -8.13 -0.63 -23.76
CA ARG A 440 -7.91 -2.07 -23.44
C ARG A 440 -6.42 -2.39 -23.29
N LEU A 441 -5.55 -1.62 -23.94
CA LEU A 441 -4.07 -1.71 -23.80
C LEU A 441 -3.65 -1.95 -22.35
N ARG A 442 -2.82 -2.97 -22.15
CA ARG A 442 -2.13 -3.26 -20.86
C ARG A 442 -0.86 -4.05 -21.18
N TRP A 443 0.20 -3.73 -20.44
CA TRP A 443 1.51 -4.42 -20.51
C TRP A 443 1.67 -5.18 -19.19
N ASP A 444 1.76 -6.51 -19.22
CA ASP A 444 1.68 -7.35 -17.99
C ASP A 444 2.87 -7.12 -17.05
N SER A 445 4.00 -6.60 -17.55
CA SER A 445 5.19 -6.21 -16.72
C SER A 445 5.03 -4.79 -16.16
N LEU A 446 4.22 -3.94 -16.79
CA LEU A 446 4.07 -2.51 -16.40
C LEU A 446 3.02 -2.36 -15.29
N PRO A 447 3.09 -1.23 -14.56
CA PRO A 447 2.01 -0.86 -13.65
C PRO A 447 0.67 -0.89 -14.39
N PHE A 448 -0.35 -1.47 -13.76
CA PHE A 448 -1.76 -1.36 -14.21
C PHE A 448 -2.66 -1.08 -13.00
N GLY A 449 -3.61 -0.16 -13.14
CA GLY A 449 -4.45 0.31 -12.02
C GLY A 449 -4.69 1.80 -12.07
N GLY A 450 -5.29 2.36 -11.03
CA GLY A 450 -5.77 3.73 -11.15
C GLY A 450 -5.93 4.48 -9.86
N PHE A 451 -6.52 5.67 -10.00
CA PHE A 451 -6.86 6.69 -8.98
C PHE A 451 -8.19 6.28 -8.36
N LYS A 452 -8.57 6.94 -7.25
CA LYS A 452 -9.95 6.94 -6.69
C LYS A 452 -10.30 5.50 -6.28
N LYS A 453 -11.42 4.96 -6.76
CA LYS A 453 -12.00 3.66 -6.30
C LYS A 453 -11.71 2.55 -7.32
N THR A 454 -10.77 2.78 -8.24
CA THR A 454 -10.26 1.76 -9.18
C THR A 454 -9.45 0.72 -8.40
N GLY A 455 -8.84 1.11 -7.29
CA GLY A 455 -8.26 0.12 -6.38
C GLY A 455 -7.14 0.71 -5.57
N ILE A 456 -6.22 -0.17 -5.18
CA ILE A 456 -5.12 0.15 -4.22
C ILE A 456 -3.88 -0.57 -4.75
N GLY A 457 -2.83 0.19 -5.01
CA GLY A 457 -1.57 -0.37 -5.51
C GLY A 457 -1.65 -0.48 -7.01
N ARG A 458 -0.67 -1.15 -7.61
CA ARG A 458 -0.64 -1.41 -9.06
C ARG A 458 -0.41 -2.91 -9.21
N GLU A 459 -0.81 -3.46 -10.34
CA GLU A 459 -0.62 -4.90 -10.61
C GLU A 459 0.12 -5.03 -11.93
N GLY A 460 1.26 -5.70 -11.89
CA GLY A 460 2.12 -5.97 -13.05
C GLY A 460 3.32 -6.67 -12.49
N VAL A 461 4.01 -7.49 -13.30
CA VAL A 461 5.09 -8.36 -12.80
C VAL A 461 6.05 -7.57 -11.90
N ARG A 462 6.48 -6.36 -12.28
CA ARG A 462 7.50 -5.63 -11.48
C ARG A 462 6.82 -5.10 -10.21
N ASP A 463 5.70 -4.43 -10.33
CA ASP A 463 5.07 -3.75 -9.16
C ASP A 463 4.50 -4.80 -8.19
N THR A 464 3.92 -5.88 -8.72
CA THR A 464 3.34 -6.96 -7.88
C THR A 464 4.44 -7.60 -7.04
N MET A 465 5.65 -7.79 -7.58
CA MET A 465 6.76 -8.44 -6.85
C MET A 465 7.17 -7.58 -5.65
N LEU A 466 7.26 -6.27 -5.86
CA LEU A 466 7.58 -5.28 -4.79
C LEU A 466 6.42 -5.22 -3.77
N GLU A 467 5.18 -5.24 -4.23
CA GLU A 467 3.99 -5.23 -3.33
C GLU A 467 3.88 -6.54 -2.54
N MET A 468 4.56 -7.60 -2.98
CA MET A 468 4.42 -8.93 -2.38
C MET A 468 5.64 -9.29 -1.52
N THR A 469 6.54 -8.33 -1.31
CA THR A 469 7.78 -8.48 -0.52
C THR A 469 7.83 -7.36 0.53
N GLU A 470 8.56 -7.61 1.62
CA GLU A 470 8.88 -6.61 2.66
C GLU A 470 10.32 -6.14 2.44
N ASN A 471 10.55 -4.84 2.39
CA ASN A 471 11.91 -4.27 2.47
C ASN A 471 12.50 -4.65 3.84
N LYS A 472 13.73 -5.14 3.86
CA LYS A 472 14.48 -5.48 5.10
C LYS A 472 15.86 -4.81 5.01
N LEU A 473 16.18 -3.92 5.94
CA LEU A 473 17.52 -3.29 6.01
C LEU A 473 18.42 -4.13 6.92
N ILE A 474 19.69 -4.26 6.57
CA ILE A 474 20.73 -4.71 7.50
C ILE A 474 21.76 -3.59 7.63
N ALA A 475 21.94 -3.07 8.84
CA ALA A 475 22.98 -2.06 9.20
C ALA A 475 24.07 -2.69 10.07
N ILE A 476 25.30 -2.71 9.55
CA ILE A 476 26.54 -3.11 10.25
C ILE A 476 27.31 -1.84 10.64
N THR A 477 27.60 -1.67 11.94
CA THR A 477 28.58 -0.69 12.44
C THR A 477 29.90 -1.44 12.56
N LEU A 478 30.87 -1.14 11.68
CA LEU A 478 32.27 -1.65 11.70
C LEU A 478 32.94 -1.19 13.00
N LEU A 479 33.60 -2.09 13.74
CA LEU A 479 34.11 -1.83 15.11
C LEU A 479 35.64 -1.70 15.09
N GLU B 14 -13.86 28.21 23.06
CA GLU B 14 -13.51 27.08 23.98
C GLU B 14 -12.12 26.54 23.63
N VAL B 15 -11.30 26.25 24.66
CA VAL B 15 -9.87 25.86 24.50
C VAL B 15 -9.53 24.64 25.38
N ILE B 16 -8.41 24.01 25.05
CA ILE B 16 -7.81 22.86 25.76
C ILE B 16 -6.47 23.36 26.26
N GLU B 17 -6.23 23.16 27.54
CA GLU B 17 -5.00 23.56 28.25
C GLU B 17 -3.91 22.51 27.97
N ILE B 18 -2.73 22.96 27.59
CA ILE B 18 -1.57 22.05 27.40
C ILE B 18 -0.69 22.21 28.63
N LYS B 19 -0.38 21.10 29.29
CA LYS B 19 0.38 21.09 30.57
C LYS B 19 1.65 20.29 30.37
N SER B 20 2.75 20.76 30.95
CA SER B 20 4.05 20.06 31.00
C SER B 20 3.94 18.82 31.86
N PRO B 21 4.39 17.64 31.36
CA PRO B 21 4.36 16.42 32.18
C PRO B 21 5.44 16.38 33.27
N SER B 22 6.38 17.32 33.24
CA SER B 22 7.47 17.51 34.23
C SER B 22 6.88 18.05 35.54
N ASN B 23 6.21 19.21 35.49
CA ASN B 23 5.71 19.94 36.69
C ASN B 23 4.21 20.26 36.62
N LEU B 24 3.50 19.82 35.58
CA LEU B 24 2.02 19.98 35.40
C LEU B 24 1.65 21.45 35.20
N LYS B 25 2.59 22.35 34.93
CA LYS B 25 2.23 23.78 34.74
C LYS B 25 1.66 23.94 33.32
N VAL B 26 0.83 24.98 33.11
CA VAL B 26 0.15 25.31 31.82
C VAL B 26 1.16 25.97 30.89
N ILE B 27 1.39 25.40 29.70
CA ILE B 27 2.45 25.81 28.71
C ILE B 27 1.79 26.66 27.61
N GLY B 28 0.48 26.51 27.44
CA GLY B 28 -0.28 27.18 26.37
C GLY B 28 -1.65 26.55 26.22
N THR B 29 -2.42 27.04 25.27
CA THR B 29 -3.77 26.50 24.96
C THR B 29 -3.92 26.36 23.44
N VAL B 30 -4.91 25.59 23.00
CA VAL B 30 -5.26 25.44 21.57
C VAL B 30 -6.77 25.35 21.50
N LYS B 31 -7.29 25.72 20.33
CA LYS B 31 -8.73 25.68 20.03
C LYS B 31 -9.24 24.25 20.19
N ARG B 32 -10.37 24.11 20.86
CA ARG B 32 -11.17 22.87 20.87
C ARG B 32 -12.08 22.88 19.63
N MET B 33 -11.57 22.42 18.49
CA MET B 33 -12.29 22.53 17.20
C MET B 33 -13.46 21.54 17.16
N SER B 34 -14.58 21.99 16.59
CA SER B 34 -15.80 21.19 16.33
C SER B 34 -15.64 20.43 15.01
N LYS B 35 -16.51 19.46 14.77
CA LYS B 35 -16.65 18.72 13.48
C LYS B 35 -16.86 19.72 12.32
N ASP B 36 -17.65 20.77 12.52
CA ASP B 36 -18.01 21.76 11.48
C ASP B 36 -16.77 22.60 11.14
N GLU B 37 -15.94 22.92 12.14
CA GLU B 37 -14.72 23.74 11.93
C GLU B 37 -13.66 22.89 11.21
N VAL B 38 -13.55 21.61 11.53
CA VAL B 38 -12.60 20.69 10.83
C VAL B 38 -13.06 20.47 9.39
N ARG B 39 -14.37 20.35 9.17
CA ARG B 39 -14.98 20.31 7.81
C ARG B 39 -14.45 21.52 7.00
N GLY B 40 -14.46 22.72 7.59
CA GLY B 40 -13.96 23.95 6.93
C GLY B 40 -12.50 23.82 6.56
N GLU B 41 -11.70 23.19 7.44
CA GLU B 41 -10.23 23.09 7.27
C GLU B 41 -9.92 22.13 6.11
N ILE B 42 -10.66 21.03 5.99
CA ILE B 42 -10.47 20.07 4.87
C ILE B 42 -10.85 20.79 3.56
N GLU B 43 -11.94 21.57 3.56
CA GLU B 43 -12.37 22.39 2.38
C GLU B 43 -11.20 23.32 2.00
N GLU B 44 -10.61 24.04 2.96
CA GLU B 44 -9.56 25.03 2.64
C GLU B 44 -8.30 24.29 2.17
N ALA B 45 -7.99 23.13 2.74
CA ALA B 45 -6.85 22.30 2.35
C ALA B 45 -7.03 21.86 0.89
N TYR B 46 -8.23 21.45 0.50
CA TYR B 46 -8.54 21.11 -0.92
C TYR B 46 -8.20 22.29 -1.85
N LYS B 47 -8.56 23.52 -1.50
CA LYS B 47 -8.14 24.72 -2.27
C LYS B 47 -6.61 24.85 -2.26
N GLY B 48 -5.96 24.47 -1.16
CA GLY B 48 -4.49 24.46 -1.04
C GLY B 48 -3.84 23.47 -1.99
N PHE B 49 -4.38 22.26 -2.08
CA PHE B 49 -4.01 21.23 -3.08
C PHE B 49 -4.06 21.86 -4.48
N GLU B 50 -5.20 22.46 -4.86
CA GLU B 50 -5.42 23.07 -6.20
C GLU B 50 -4.35 24.14 -6.44
N THR B 51 -3.94 24.89 -5.42
CA THR B 51 -2.86 25.91 -5.57
C THR B 51 -1.48 25.25 -5.68
N ILE B 52 -1.09 24.46 -4.66
CA ILE B 52 0.28 23.91 -4.48
C ILE B 52 0.59 22.95 -5.67
N SER B 53 -0.37 22.15 -6.10
CA SER B 53 -0.19 21.16 -7.19
C SER B 53 0.12 21.85 -8.53
N ARG B 54 -0.24 23.12 -8.69
CA ARG B 54 -0.09 23.86 -9.97
C ARG B 54 1.21 24.66 -9.94
N MET B 55 1.84 24.82 -8.77
CA MET B 55 3.18 25.47 -8.71
C MET B 55 4.16 24.51 -9.34
N PRO B 56 5.22 24.96 -10.03
CA PRO B 56 6.26 24.05 -10.50
C PRO B 56 7.07 23.53 -9.30
N LEU B 57 7.67 22.37 -9.45
CA LEU B 57 8.38 21.68 -8.34
C LEU B 57 9.50 22.55 -7.78
N TYR B 58 10.29 23.23 -8.62
CA TYR B 58 11.44 24.04 -8.13
C TYR B 58 10.94 25.10 -7.13
N LYS B 59 9.70 25.56 -7.22
CA LYS B 59 9.18 26.59 -6.28
C LYS B 59 8.87 25.88 -4.96
N ARG B 60 8.41 24.63 -5.03
CA ARG B 60 7.93 23.93 -3.81
C ARG B 60 9.19 23.54 -3.05
N THR B 61 10.22 23.11 -3.79
CA THR B 61 11.50 22.71 -3.20
C THR B 61 12.21 23.94 -2.61
N ALA B 62 12.13 25.11 -3.23
CA ALA B 62 12.68 26.36 -2.63
C ALA B 62 11.93 26.62 -1.31
N ILE B 63 10.63 26.35 -1.21
CA ILE B 63 9.93 26.53 0.10
C ILE B 63 10.53 25.56 1.11
N LEU B 64 10.72 24.29 0.74
CA LEU B 64 11.26 23.28 1.68
C LEU B 64 12.68 23.63 2.12
N ARG B 65 13.58 24.10 1.23
CA ARG B 65 14.96 24.47 1.68
C ARG B 65 14.87 25.66 2.67
N LYS B 66 13.98 26.62 2.44
CA LYS B 66 13.79 27.77 3.37
C LYS B 66 13.30 27.28 4.74
N VAL B 67 12.34 26.35 4.79
CA VAL B 67 11.86 25.77 6.08
C VAL B 67 13.06 25.18 6.82
N SER B 68 13.91 24.46 6.10
CA SER B 68 15.09 23.79 6.68
C SER B 68 15.96 24.83 7.42
N GLU B 69 16.24 25.95 6.77
CA GLU B 69 17.08 27.06 7.30
C GLU B 69 16.37 27.70 8.50
N ILE B 70 15.08 27.93 8.42
CA ILE B 70 14.33 28.52 9.57
C ILE B 70 14.38 27.57 10.75
N LEU B 71 14.20 26.26 10.54
CA LEU B 71 14.27 25.24 11.63
C LEU B 71 15.62 25.30 12.32
N GLU B 72 16.70 25.47 11.55
CA GLU B 72 18.07 25.55 12.10
C GLU B 72 18.18 26.85 12.92
N ARG B 73 17.62 27.95 12.45
CA ARG B 73 17.66 29.26 13.16
C ARG B 73 16.84 29.25 14.47
N GLU B 74 15.68 28.60 14.51
CA GLU B 74 14.70 28.55 15.64
C GLU B 74 14.88 27.30 16.50
N GLN B 75 16.02 26.62 16.38
CA GLN B 75 16.29 25.26 16.92
C GLN B 75 16.15 25.25 18.45
N GLU B 76 16.72 26.25 19.11
CA GLU B 76 16.78 26.30 20.58
C GLU B 76 15.39 26.63 21.12
N ARG B 77 14.65 27.53 20.47
CA ARG B 77 13.25 27.86 20.83
C ARG B 77 12.32 26.65 20.64
N LEU B 78 12.45 25.90 19.53
CA LEU B 78 11.58 24.73 19.27
C LEU B 78 11.98 23.58 20.20
N ALA B 79 13.29 23.42 20.46
CA ALA B 79 13.79 22.40 21.42
C ALA B 79 13.18 22.63 22.81
N ARG B 80 13.20 23.86 23.32
CA ARG B 80 12.63 24.20 24.65
C ARG B 80 11.12 23.89 24.65
N LEU B 81 10.37 24.21 23.59
CA LEU B 81 8.91 23.93 23.54
C LEU B 81 8.67 22.42 23.60
N LEU B 82 9.42 21.62 22.83
CA LEU B 82 9.37 20.13 22.90
C LEU B 82 9.59 19.62 24.34
N ALA B 83 10.62 20.14 24.99
CA ALA B 83 11.00 19.80 26.39
C ALA B 83 9.79 20.05 27.30
N MET B 84 9.11 21.17 27.12
CA MET B 84 7.99 21.58 27.99
C MET B 84 6.73 20.77 27.70
N GLU B 85 6.29 20.63 26.45
CA GLU B 85 5.00 19.94 26.18
C GLU B 85 5.23 18.44 26.17
N ALA B 86 6.33 17.97 25.60
CA ALA B 86 6.55 16.51 25.40
C ALA B 86 7.36 15.91 26.57
N GLY B 87 7.93 16.72 27.48
CA GLY B 87 8.81 16.21 28.57
C GLY B 87 10.11 15.60 28.05
N LYS B 88 10.56 16.01 26.86
CA LYS B 88 11.72 15.37 26.17
C LYS B 88 12.97 16.15 26.57
N PRO B 89 13.98 15.54 27.23
CA PRO B 89 15.17 16.28 27.63
C PRO B 89 15.68 17.15 26.49
N ILE B 90 16.15 18.35 26.83
CA ILE B 90 16.55 19.39 25.85
C ILE B 90 17.62 18.83 24.89
N LYS B 91 18.56 18.03 25.35
CA LYS B 91 19.63 17.45 24.49
C LYS B 91 18.99 16.60 23.38
N ASP B 92 17.94 15.83 23.68
CA ASP B 92 17.23 14.95 22.69
C ASP B 92 16.25 15.78 21.84
N SER B 93 15.72 16.87 22.41
CA SER B 93 14.86 17.84 21.73
C SER B 93 15.63 18.55 20.64
N ARG B 94 16.85 18.99 20.93
CA ARG B 94 17.70 19.65 19.91
C ARG B 94 17.95 18.69 18.73
N VAL B 95 18.20 17.42 19.02
CA VAL B 95 18.48 16.37 18.01
C VAL B 95 17.22 16.25 17.17
N GLU B 96 16.04 16.29 17.80
CA GLU B 96 14.78 16.10 17.05
C GLU B 96 14.60 17.26 16.05
N VAL B 97 14.82 18.49 16.49
CA VAL B 97 14.61 19.70 15.64
C VAL B 97 15.67 19.70 14.52
N MET B 98 16.91 19.28 14.80
CA MET B 98 17.96 19.15 13.75
C MET B 98 17.55 18.07 12.73
N ARG B 99 16.92 16.99 13.15
CA ARG B 99 16.51 15.91 12.21
C ARG B 99 15.48 16.47 11.26
N ALA B 100 14.47 17.17 11.80
CA ALA B 100 13.40 17.80 11.02
C ALA B 100 14.00 18.84 10.06
N SER B 101 14.91 19.68 10.51
CA SER B 101 15.70 20.57 9.61
C SER B 101 16.26 19.78 8.43
N ARG B 102 16.96 18.70 8.72
CA ARG B 102 17.65 17.88 7.68
C ARG B 102 16.62 17.20 6.79
N LEU B 103 15.47 16.79 7.35
CA LEU B 103 14.45 16.06 6.59
C LEU B 103 13.83 17.00 5.55
N PHE B 104 13.47 18.23 5.95
CA PHE B 104 12.91 19.25 5.06
C PHE B 104 13.90 19.49 3.92
N ARG B 105 15.19 19.59 4.24
CA ARG B 105 16.22 19.78 3.18
C ARG B 105 16.31 18.53 2.29
N GLN B 106 16.25 17.33 2.87
CA GLN B 106 16.40 16.10 2.06
C GLN B 106 15.20 15.91 1.13
N ALA B 107 14.02 16.39 1.52
CA ALA B 107 12.82 16.34 0.67
C ALA B 107 13.05 17.26 -0.54
N ALA B 108 13.67 18.43 -0.33
CA ALA B 108 13.99 19.41 -1.41
C ALA B 108 15.02 18.82 -2.37
N GLU B 109 15.99 18.11 -1.83
CA GLU B 109 17.20 17.71 -2.58
C GLU B 109 16.91 16.47 -3.44
N GLU B 110 16.02 15.59 -3.01
CA GLU B 110 15.89 14.23 -3.58
C GLU B 110 14.67 14.15 -4.46
N ALA B 111 13.78 15.14 -4.40
CA ALA B 111 12.50 15.16 -5.13
C ALA B 111 12.77 14.93 -6.64
N ALA B 112 13.80 15.55 -7.21
CA ALA B 112 14.02 15.48 -8.68
C ALA B 112 14.21 14.01 -9.06
N ILE B 113 14.98 13.25 -8.29
CA ILE B 113 15.32 11.86 -8.68
C ILE B 113 14.23 10.87 -8.23
N VAL B 114 13.66 11.08 -7.05
CA VAL B 114 12.66 10.15 -6.49
C VAL B 114 11.40 10.14 -7.37
N LEU B 115 10.98 11.29 -7.88
CA LEU B 115 9.72 11.47 -8.65
C LEU B 115 9.93 11.21 -10.14
N GLU B 116 11.16 10.93 -10.56
CA GLU B 116 11.54 10.64 -11.96
C GLU B 116 10.73 9.44 -12.46
N GLY B 117 10.10 9.57 -13.63
CA GLY B 117 9.29 8.52 -14.26
C GLY B 117 10.12 7.67 -15.23
N LYS B 118 9.47 6.80 -15.98
CA LYS B 118 10.20 5.91 -16.92
C LYS B 118 9.80 6.22 -18.37
N ASN B 119 10.66 5.87 -19.31
CA ASN B 119 10.34 5.65 -20.74
C ASN B 119 10.47 4.15 -20.97
N TYR B 120 9.36 3.41 -20.90
CA TYR B 120 9.35 1.92 -20.93
C TYR B 120 9.78 1.40 -22.31
N ARG B 121 10.58 0.36 -22.29
CA ARG B 121 11.00 -0.34 -23.54
C ARG B 121 9.87 -1.31 -23.89
N VAL B 122 8.74 -0.82 -24.38
CA VAL B 122 7.57 -1.70 -24.64
C VAL B 122 7.84 -2.57 -25.86
N ASP B 123 8.84 -2.27 -26.70
CA ASP B 123 9.19 -3.08 -27.90
C ASP B 123 9.88 -4.39 -27.47
N ALA B 124 10.17 -4.58 -26.18
CA ALA B 124 10.59 -5.90 -25.63
C ALA B 124 9.41 -6.88 -25.54
N TYR B 125 8.16 -6.42 -25.69
CA TYR B 125 6.98 -7.29 -25.44
C TYR B 125 6.13 -7.37 -26.69
N GLU B 126 5.63 -8.58 -26.98
CA GLU B 126 4.78 -8.91 -28.15
C GLU B 126 3.35 -8.39 -27.92
N TYR B 127 2.86 -8.41 -26.68
CA TYR B 127 1.49 -7.93 -26.33
C TYR B 127 1.56 -6.57 -25.63
N PRO B 128 0.67 -5.61 -25.96
CA PRO B 128 -0.24 -5.71 -27.09
C PRO B 128 0.53 -5.65 -28.40
N PRO B 129 -0.03 -6.18 -29.53
CA PRO B 129 0.62 -6.06 -30.83
C PRO B 129 0.85 -4.57 -31.15
N GLY B 130 1.94 -4.24 -31.85
CA GLY B 130 2.24 -2.87 -32.33
C GLY B 130 3.03 -2.02 -31.33
N ASN B 131 3.68 -2.63 -30.33
CA ASN B 131 4.52 -1.89 -29.33
C ASN B 131 5.73 -1.20 -30.00
N GLU B 132 6.16 -1.65 -31.17
CA GLU B 132 7.28 -0.98 -31.88
C GLU B 132 6.86 0.44 -32.29
N ASN B 133 5.57 0.80 -32.30
CA ASN B 133 5.09 2.14 -32.74
C ASN B 133 4.62 2.99 -31.53
N ARG B 134 4.94 2.59 -30.29
CA ARG B 134 4.41 3.26 -29.06
C ARG B 134 5.53 3.93 -28.26
N ILE B 135 5.22 5.09 -27.67
CA ILE B 135 5.98 5.67 -26.54
C ILE B 135 5.10 5.56 -25.29
N VAL B 136 5.58 4.88 -24.25
CA VAL B 136 4.89 4.77 -22.93
C VAL B 136 5.81 5.37 -21.85
N ILE B 137 5.35 6.46 -21.25
CA ILE B 137 6.06 7.19 -20.18
C ILE B 137 5.22 7.16 -18.90
N SER B 138 5.89 7.31 -17.77
CA SER B 138 5.26 7.37 -16.44
C SER B 138 5.66 8.69 -15.77
N THR B 139 4.76 9.21 -14.96
CA THR B 139 4.96 10.39 -14.08
C THR B 139 4.33 10.05 -12.73
N ARG B 140 4.79 10.73 -11.69
CA ARG B 140 4.24 10.63 -10.33
C ARG B 140 3.33 11.82 -10.08
N GLU B 141 2.04 11.56 -9.86
CA GLU B 141 1.02 12.62 -9.70
C GLU B 141 0.64 12.70 -8.23
N PRO B 142 0.38 13.90 -7.68
CA PRO B 142 -0.04 14.04 -6.31
C PRO B 142 -1.42 13.38 -6.16
N ILE B 143 -1.72 12.88 -4.98
CA ILE B 143 -3.06 12.28 -4.65
C ILE B 143 -4.05 13.41 -4.34
N GLY B 144 -3.65 14.42 -3.58
CA GLY B 144 -4.61 15.50 -3.27
C GLY B 144 -4.45 15.93 -1.83
N VAL B 145 -5.46 15.70 -0.97
CA VAL B 145 -5.40 16.11 0.46
C VAL B 145 -4.95 14.91 1.29
N VAL B 146 -3.90 15.09 2.07
CA VAL B 146 -3.37 14.10 3.05
C VAL B 146 -3.87 14.48 4.46
N THR B 147 -4.38 13.50 5.21
CA THR B 147 -4.65 13.64 6.66
C THR B 147 -3.47 13.00 7.37
N ALA B 148 -2.68 13.83 8.08
CA ALA B 148 -1.52 13.44 8.88
C ALA B 148 -1.92 13.49 10.35
N ILE B 149 -1.94 12.33 10.99
CA ILE B 149 -2.26 12.12 12.43
C ILE B 149 -0.97 11.77 13.15
N LEU B 150 -0.47 12.69 13.97
CA LEU B 150 0.87 12.65 14.55
C LEU B 150 0.79 12.02 15.92
N PRO B 151 1.89 11.34 16.31
CA PRO B 151 2.06 10.82 17.67
C PRO B 151 2.67 11.89 18.58
N PHE B 152 2.61 11.67 19.89
CA PHE B 152 3.09 12.67 20.88
C PHE B 152 4.62 12.67 20.94
N ASN B 153 5.27 11.58 20.55
CA ASN B 153 6.66 11.32 21.02
C ASN B 153 7.68 12.02 20.13
N PHE B 154 7.34 12.35 18.88
CA PHE B 154 8.22 13.14 17.98
C PHE B 154 7.38 14.20 17.30
N PRO B 155 6.84 15.17 18.06
CA PRO B 155 5.87 16.12 17.51
C PRO B 155 6.44 16.85 16.29
N ILE B 156 7.73 17.16 16.25
CA ILE B 156 8.32 17.99 15.15
C ILE B 156 8.82 17.08 14.01
N ASN B 157 9.43 15.96 14.31
CA ASN B 157 10.04 15.11 13.26
C ASN B 157 8.96 14.27 12.55
N SER B 158 7.84 13.93 13.23
CA SER B 158 6.73 13.21 12.55
C SER B 158 6.00 14.20 11.65
N PHE B 159 5.89 15.46 12.08
CA PHE B 159 5.44 16.59 11.24
C PHE B 159 6.30 16.64 9.97
N ALA B 160 7.60 16.71 10.13
CA ALA B 160 8.52 16.76 8.96
C ALA B 160 8.31 15.53 8.06
N HIS B 161 8.22 14.34 8.64
CA HIS B 161 8.12 13.07 7.86
C HIS B 161 6.85 13.05 7.00
N LYS B 162 5.80 13.74 7.44
CA LYS B 162 4.48 13.69 6.79
C LYS B 162 4.29 14.92 5.89
N VAL B 163 4.75 16.09 6.32
CA VAL B 163 4.49 17.36 5.63
C VAL B 163 5.57 17.59 4.55
N ALA B 164 6.83 17.28 4.79
CA ALA B 164 7.88 17.68 3.81
C ALA B 164 7.69 16.89 2.49
N PRO B 165 7.54 15.56 2.50
CA PRO B 165 7.25 14.84 1.26
C PRO B 165 5.94 15.26 0.57
N ALA B 166 4.89 15.55 1.35
CA ALA B 166 3.58 15.97 0.82
C ALA B 166 3.74 17.27 0.01
N ILE B 167 4.41 18.27 0.57
CA ILE B 167 4.69 19.54 -0.16
C ILE B 167 5.59 19.22 -1.37
N ALA B 168 6.62 18.40 -1.24
CA ALA B 168 7.52 18.13 -2.41
C ALA B 168 6.66 17.63 -3.59
N VAL B 169 5.68 16.75 -3.38
CA VAL B 169 4.94 16.06 -4.48
C VAL B 169 3.69 16.84 -4.90
N GLY B 170 3.29 17.89 -4.18
CA GLY B 170 2.14 18.74 -4.51
C GLY B 170 0.84 18.36 -3.77
N ASN B 171 0.90 17.57 -2.71
CA ASN B 171 -0.31 17.35 -1.87
C ASN B 171 -0.45 18.49 -0.86
N SER B 172 -1.67 18.79 -0.46
CA SER B 172 -1.95 19.65 0.72
C SER B 172 -2.02 18.71 1.93
N VAL B 173 -1.96 19.24 3.16
CA VAL B 173 -2.01 18.39 4.38
C VAL B 173 -2.96 19.01 5.42
N VAL B 174 -3.83 18.18 5.99
CA VAL B 174 -4.52 18.48 7.26
C VAL B 174 -3.81 17.70 8.38
N VAL B 175 -3.23 18.42 9.34
CA VAL B 175 -2.35 17.88 10.41
C VAL B 175 -3.12 17.89 11.73
N LYS B 176 -3.39 16.70 12.28
CA LYS B 176 -3.94 16.53 13.63
C LYS B 176 -2.81 16.06 14.53
N PRO B 177 -2.12 16.99 15.22
CA PRO B 177 -1.19 16.57 16.27
C PRO B 177 -1.89 15.87 17.44
N SER B 178 -1.13 15.11 18.21
CA SER B 178 -1.62 14.55 19.48
C SER B 178 -2.06 15.73 20.35
N ILE B 179 -3.25 15.66 20.96
CA ILE B 179 -3.70 16.66 21.96
C ILE B 179 -2.70 16.78 23.13
N SER B 180 -1.80 15.83 23.37
CA SER B 180 -0.74 15.96 24.42
C SER B 180 0.35 16.94 23.98
N THR B 181 0.60 17.10 22.68
CA THR B 181 1.77 17.85 22.14
C THR B 181 1.40 18.59 20.86
N PRO B 182 0.37 19.46 20.87
CA PRO B 182 -0.04 20.20 19.68
C PRO B 182 0.65 21.55 19.43
N LEU B 183 1.34 22.10 20.43
CA LEU B 183 1.94 23.44 20.37
C LEU B 183 3.07 23.50 19.33
N SER B 184 3.88 22.46 19.26
CA SER B 184 4.95 22.31 18.23
C SER B 184 4.38 22.53 16.82
N ALA B 185 3.25 21.90 16.49
CA ALA B 185 2.68 21.86 15.12
C ALA B 185 2.20 23.27 14.73
N ILE B 186 1.63 24.02 15.68
CA ILE B 186 1.20 25.43 15.48
C ILE B 186 2.44 26.28 15.19
N GLU B 187 3.59 25.99 15.81
CA GLU B 187 4.84 26.73 15.55
C GLU B 187 5.40 26.28 14.19
N MET B 188 5.20 25.03 13.78
CA MET B 188 5.70 24.52 12.47
C MET B 188 4.91 25.22 11.34
N LYS B 189 3.60 25.38 11.50
CA LYS B 189 2.76 26.08 10.51
C LYS B 189 3.30 27.51 10.25
N LYS B 190 3.60 28.30 11.30
CA LYS B 190 4.09 29.70 11.15
C LYS B 190 5.42 29.68 10.40
N ILE B 191 6.24 28.67 10.64
CA ILE B 191 7.51 28.52 9.89
C ILE B 191 7.21 28.21 8.41
N LEU B 192 6.21 27.40 8.10
CA LEU B 192 5.87 27.07 6.69
C LEU B 192 5.46 28.37 6.00
N VAL B 193 4.61 29.16 6.65
CA VAL B 193 4.11 30.44 6.08
C VAL B 193 5.31 31.38 5.87
N GLU B 194 6.21 31.46 6.84
CA GLU B 194 7.41 32.35 6.73
C GLU B 194 8.26 31.88 5.55
N ALA B 195 8.26 30.57 5.24
CA ALA B 195 9.07 29.98 4.14
C ALA B 195 8.45 30.30 2.78
N GLY B 196 7.20 30.80 2.73
CA GLY B 196 6.51 31.11 1.47
C GLY B 196 5.41 30.10 1.11
N LEU B 197 5.13 29.09 1.91
CA LEU B 197 4.02 28.13 1.62
C LEU B 197 2.71 28.90 1.74
N PRO B 198 1.80 28.78 0.75
CA PRO B 198 0.43 29.28 0.89
C PRO B 198 -0.22 28.78 2.18
N ASP B 199 -1.01 29.66 2.78
CA ASP B 199 -1.63 29.41 4.09
C ASP B 199 -2.63 28.24 3.97
N SER B 200 -3.27 28.07 2.82
CA SER B 200 -4.31 27.04 2.56
C SER B 200 -3.68 25.63 2.41
N ALA B 201 -2.37 25.53 2.18
CA ALA B 201 -1.67 24.27 1.76
C ALA B 201 -1.40 23.33 2.98
N VAL B 202 -1.39 23.83 4.20
CA VAL B 202 -1.28 22.99 5.45
C VAL B 202 -2.18 23.60 6.52
N ARG B 203 -3.03 22.78 7.12
CA ARG B 203 -4.08 23.22 8.08
C ARG B 203 -3.91 22.41 9.35
N ILE B 204 -3.69 23.09 10.46
CA ILE B 204 -3.50 22.45 11.78
C ILE B 204 -4.89 22.28 12.38
N VAL B 205 -5.29 21.05 12.68
CA VAL B 205 -6.54 20.86 13.46
C VAL B 205 -6.15 20.40 14.88
N THR B 206 -6.78 21.01 15.88
CA THR B 206 -6.65 20.59 17.30
C THR B 206 -8.02 20.30 17.88
N GLY B 207 -8.07 19.34 18.79
CA GLY B 207 -9.29 18.96 19.52
C GLY B 207 -9.18 17.52 19.99
N TYR B 208 -10.31 17.00 20.49
CA TYR B 208 -10.44 15.65 21.07
C TYR B 208 -10.65 14.66 19.93
N SER B 209 -9.84 13.60 19.95
CA SER B 209 -9.73 12.48 18.98
C SER B 209 -11.13 11.94 18.65
N ASN B 210 -12.03 11.96 19.63
CA ASN B 210 -13.39 11.35 19.55
C ASN B 210 -14.41 12.36 19.02
N GLU B 211 -14.05 13.61 18.75
CA GLU B 211 -14.96 14.64 18.19
C GLU B 211 -14.57 14.99 16.75
N ILE B 212 -13.29 14.88 16.40
CA ILE B 212 -12.77 15.37 15.09
C ILE B 212 -12.02 14.25 14.34
N GLY B 213 -11.74 13.12 15.00
CA GLY B 213 -11.05 11.98 14.39
C GLY B 213 -11.74 11.56 13.11
N ASP B 214 -13.06 11.37 13.14
CA ASP B 214 -13.82 10.65 12.11
C ASP B 214 -13.96 11.50 10.83
N GLU B 215 -14.22 12.80 10.94
CA GLU B 215 -14.25 13.76 9.80
C GLU B 215 -12.93 13.69 9.00
N LEU B 216 -11.79 13.61 9.68
CA LEU B 216 -10.43 13.65 9.07
C LEU B 216 -10.15 12.35 8.29
N ILE B 217 -10.88 11.29 8.60
CA ILE B 217 -10.71 9.94 8.00
C ILE B 217 -11.73 9.73 6.88
N THR B 218 -12.94 10.29 6.99
CA THR B 218 -14.10 9.93 6.13
C THR B 218 -14.47 11.07 5.17
N HIS B 219 -13.98 12.29 5.33
CA HIS B 219 -14.37 13.38 4.38
C HIS B 219 -14.05 12.97 2.94
N PRO B 220 -14.98 13.15 1.97
CA PRO B 220 -14.73 12.77 0.58
C PRO B 220 -13.51 13.44 -0.06
N LEU B 221 -13.01 14.56 0.48
CA LEU B 221 -11.91 15.32 -0.17
C LEU B 221 -10.55 14.79 0.30
N VAL B 222 -10.53 13.87 1.27
CA VAL B 222 -9.28 13.27 1.82
C VAL B 222 -8.90 12.11 0.89
N GLY B 223 -7.70 12.17 0.28
CA GLY B 223 -7.17 11.10 -0.58
C GLY B 223 -6.34 10.06 0.17
N LEU B 224 -5.65 10.45 1.26
CA LEU B 224 -4.68 9.58 1.94
C LEU B 224 -4.61 9.93 3.43
N ILE B 225 -4.36 8.91 4.24
CA ILE B 225 -4.16 9.01 5.69
C ILE B 225 -2.80 8.40 6.00
N THR B 226 -1.90 9.21 6.54
CA THR B 226 -0.62 8.77 7.11
C THR B 226 -0.68 8.95 8.62
N LEU B 227 -0.32 7.91 9.36
CA LEU B 227 -0.48 7.88 10.81
C LEU B 227 0.70 7.16 11.45
N THR B 228 1.22 7.77 12.52
CA THR B 228 2.11 7.13 13.51
C THR B 228 1.33 7.07 14.83
N GLY B 229 1.27 5.90 15.47
CA GLY B 229 0.52 5.69 16.73
C GLY B 229 0.53 4.24 17.17
N SER B 230 -0.42 3.86 18.01
CA SER B 230 -0.56 2.50 18.56
C SER B 230 -1.19 1.59 17.50
N THR B 231 -0.89 0.29 17.55
CA THR B 231 -1.46 -0.76 16.68
C THR B 231 -3.01 -0.72 16.70
N GLN B 232 -3.66 -0.73 17.87
CA GLN B 232 -5.14 -0.79 17.97
C GLN B 232 -5.78 0.45 17.30
N THR B 233 -5.28 1.65 17.61
CA THR B 233 -5.73 2.96 17.04
C THR B 233 -5.58 2.92 15.52
N GLY B 234 -4.36 2.70 15.04
CA GLY B 234 -3.98 2.67 13.62
C GLY B 234 -4.85 1.76 12.77
N LEU B 235 -5.00 0.49 13.17
CA LEU B 235 -5.67 -0.55 12.35
C LEU B 235 -7.17 -0.23 12.19
N ALA B 236 -7.81 0.30 13.24
CA ALA B 236 -9.21 0.77 13.20
C ALA B 236 -9.37 1.94 12.21
N ILE B 237 -8.45 2.90 12.27
CA ILE B 237 -8.48 4.09 11.37
C ILE B 237 -8.24 3.61 9.94
N ALA B 238 -7.17 2.83 9.73
CA ALA B 238 -6.79 2.24 8.42
C ALA B 238 -7.98 1.50 7.78
N SER B 239 -8.61 0.64 8.56
CA SER B 239 -9.83 -0.12 8.20
C SER B 239 -10.91 0.82 7.65
N LYS B 240 -11.27 1.87 8.40
CA LYS B 240 -12.29 2.85 7.96
C LYS B 240 -11.86 3.53 6.64
N ALA B 241 -10.62 4.01 6.57
CA ALA B 241 -10.14 4.81 5.42
C ALA B 241 -10.23 3.96 4.16
N VAL B 242 -9.74 2.73 4.25
CA VAL B 242 -9.66 1.81 3.10
C VAL B 242 -11.08 1.41 2.64
N SER B 243 -12.06 1.34 3.54
CA SER B 243 -13.50 1.04 3.20
C SER B 243 -14.07 2.13 2.30
N LEU B 244 -13.47 3.34 2.28
CA LEU B 244 -13.91 4.49 1.46
C LEU B 244 -12.95 4.69 0.26
N GLY B 245 -12.00 3.79 0.04
CA GLY B 245 -11.08 3.85 -1.11
C GLY B 245 -9.90 4.78 -0.87
N LYS B 246 -9.62 5.15 0.37
CA LYS B 246 -8.51 6.09 0.63
C LYS B 246 -7.23 5.28 0.85
N ARG B 247 -6.11 5.84 0.41
CA ARG B 247 -4.76 5.27 0.62
C ARG B 247 -4.36 5.47 2.09
N ILE B 248 -3.40 4.67 2.57
CA ILE B 248 -3.00 4.65 4.01
C ILE B 248 -1.48 4.40 4.10
N ILE B 249 -0.81 5.17 4.95
CA ILE B 249 0.56 4.87 5.43
C ILE B 249 0.47 4.81 6.95
N MET B 250 0.90 3.71 7.56
CA MET B 250 0.82 3.47 9.03
C MET B 250 2.20 3.10 9.57
N GLU B 251 2.66 3.76 10.63
CA GLU B 251 3.84 3.35 11.43
C GLU B 251 3.34 3.14 12.86
N LEU B 252 3.15 1.89 13.23
CA LEU B 252 2.49 1.52 14.50
C LEU B 252 3.60 1.03 15.44
N GLY B 253 3.29 0.24 16.44
CA GLY B 253 4.31 -0.05 17.49
C GLY B 253 5.49 -0.92 17.04
N GLY B 254 6.43 -1.11 17.98
CA GLY B 254 7.36 -2.24 17.96
C GLY B 254 7.65 -2.69 19.36
N SER B 255 8.24 -3.88 19.48
CA SER B 255 8.87 -4.39 20.72
C SER B 255 10.25 -4.89 20.35
N ASP B 256 11.12 -3.97 19.92
CA ASP B 256 12.44 -4.31 19.32
C ASP B 256 13.28 -5.07 20.33
N PRO B 257 13.74 -6.29 19.99
CA PRO B 257 14.68 -7.00 20.85
C PRO B 257 16.12 -6.59 20.54
N ILE B 258 16.95 -6.47 21.58
CA ILE B 258 18.44 -6.44 21.50
C ILE B 258 18.95 -7.82 21.93
N ILE B 259 19.58 -8.55 20.99
CA ILE B 259 20.25 -9.86 21.20
C ILE B 259 21.74 -9.59 21.45
N VAL B 260 22.26 -10.08 22.60
CA VAL B 260 23.65 -9.89 23.06
C VAL B 260 24.33 -11.24 23.19
N LEU B 261 25.23 -11.57 22.27
CA LEU B 261 25.84 -12.91 22.17
C LEU B 261 27.05 -13.02 23.11
N GLU B 262 27.55 -14.24 23.34
CA GLU B 262 28.54 -14.48 24.42
C GLU B 262 29.84 -13.74 24.06
N ASP B 263 30.09 -13.50 22.77
CA ASP B 263 31.33 -12.85 22.26
C ASP B 263 31.07 -11.40 21.87
N ALA B 264 30.12 -10.73 22.53
CA ALA B 264 29.84 -9.29 22.33
C ALA B 264 30.87 -8.50 23.12
N ASN B 265 31.09 -7.23 22.78
CA ASN B 265 31.75 -6.22 23.64
C ASN B 265 30.70 -5.80 24.68
N ILE B 266 30.91 -6.17 25.94
CA ILE B 266 29.84 -6.10 26.99
C ILE B 266 29.63 -4.64 27.38
N ASP B 267 30.70 -3.87 27.46
CA ASP B 267 30.69 -2.45 27.86
C ASP B 267 29.83 -1.66 26.85
N ARG B 268 30.09 -1.89 25.56
CA ARG B 268 29.36 -1.25 24.44
C ARG B 268 27.90 -1.74 24.39
N ALA B 269 27.67 -3.05 24.44
CA ALA B 269 26.31 -3.64 24.36
C ALA B 269 25.42 -3.10 25.49
N SER B 270 25.95 -2.92 26.70
CA SER B 270 25.15 -2.52 27.87
C SER B 270 24.92 -1.01 27.87
N SER B 271 25.91 -0.26 27.39
CA SER B 271 25.78 1.21 27.29
C SER B 271 24.66 1.54 26.29
N ILE B 272 24.70 0.93 25.11
CA ILE B 272 23.73 1.15 24.00
C ILE B 272 22.37 0.57 24.43
N ALA B 273 22.34 -0.57 25.10
CA ALA B 273 21.06 -1.20 25.53
C ALA B 273 20.36 -0.26 26.52
N VAL B 274 21.11 0.43 27.36
CA VAL B 274 20.53 1.34 28.40
C VAL B 274 19.90 2.56 27.70
N ARG B 275 20.66 3.21 26.80
CA ARG B 275 20.25 4.38 25.99
C ARG B 275 19.03 3.99 25.16
N ALA B 276 19.12 2.88 24.44
CA ALA B 276 18.05 2.30 23.61
C ALA B 276 16.75 2.15 24.40
N ARG B 277 16.76 1.69 25.66
CA ARG B 277 15.51 1.39 26.40
C ARG B 277 14.95 2.66 27.04
N TYR B 278 15.82 3.54 27.52
CA TYR B 278 15.45 4.56 28.52
C TYR B 278 15.46 5.94 27.87
N GLU B 279 16.08 6.13 26.70
CA GLU B 279 15.99 7.43 25.97
C GLU B 279 14.52 7.85 25.94
N TYR B 280 14.25 9.10 26.31
CA TYR B 280 12.89 9.71 26.36
C TYR B 280 11.96 8.83 27.21
N ALA B 281 12.45 8.31 28.34
CA ALA B 281 11.73 7.40 29.25
C ALA B 281 11.17 6.23 28.46
N GLY B 282 11.86 5.75 27.41
CA GLY B 282 11.46 4.53 26.70
C GLY B 282 10.35 4.72 25.65
N GLN B 283 9.90 5.94 25.41
CA GLN B 283 8.74 6.26 24.54
C GLN B 283 9.25 6.38 23.09
N ASN B 284 9.81 5.32 22.53
CA ASN B 284 10.26 5.29 21.11
C ASN B 284 9.70 4.03 20.48
N CYS B 285 9.16 4.10 19.26
CA CYS B 285 8.64 2.96 18.49
C CYS B 285 9.75 1.89 18.42
N ASN B 286 11.01 2.32 18.20
CA ASN B 286 12.19 1.43 18.09
C ASN B 286 13.09 1.48 19.35
N ALA B 287 12.54 1.69 20.54
CA ALA B 287 13.31 1.48 21.81
C ALA B 287 13.77 0.03 21.86
N GLY B 288 14.93 -0.26 22.47
CA GLY B 288 15.27 -1.62 22.94
C GLY B 288 14.29 -2.09 24.02
N LYS B 289 13.19 -2.72 23.65
CA LYS B 289 12.08 -2.98 24.61
C LYS B 289 12.24 -4.36 25.29
N ARG B 290 12.88 -5.34 24.63
CA ARG B 290 13.19 -6.69 25.18
C ARG B 290 14.69 -6.95 24.97
N ILE B 291 15.41 -7.27 26.05
CA ILE B 291 16.88 -7.54 26.01
C ILE B 291 17.12 -9.02 26.31
N ILE B 292 17.68 -9.73 25.31
CA ILE B 292 17.92 -11.19 25.24
C ILE B 292 19.44 -11.36 25.30
N VAL B 293 19.95 -11.95 26.40
CA VAL B 293 21.38 -12.05 26.75
C VAL B 293 21.74 -13.54 26.85
N ARG B 294 22.85 -13.93 26.23
CA ARG B 294 23.40 -15.30 26.27
C ARG B 294 23.82 -15.61 27.71
N GLU B 295 23.41 -16.77 28.24
CA GLU B 295 23.57 -17.09 29.69
C GLU B 295 25.05 -16.93 30.10
N GLU B 296 26.01 -17.22 29.22
CA GLU B 296 27.46 -17.09 29.53
C GLU B 296 27.80 -15.69 30.06
N ILE B 297 27.14 -14.60 29.61
CA ILE B 297 27.52 -13.21 30.03
C ILE B 297 26.40 -12.56 30.84
N TYR B 298 25.28 -13.26 31.01
CA TYR B 298 24.06 -12.71 31.66
C TYR B 298 24.47 -11.90 32.89
N ASP B 299 25.18 -12.53 33.84
CA ASP B 299 25.46 -11.92 35.16
C ASP B 299 26.30 -10.65 34.94
N LYS B 300 27.30 -10.73 34.06
CA LYS B 300 28.21 -9.59 33.77
C LYS B 300 27.42 -8.48 33.06
N PHE B 301 26.59 -8.80 32.07
CA PHE B 301 25.76 -7.80 31.33
C PHE B 301 24.78 -7.12 32.30
N VAL B 302 23.92 -7.92 32.92
CA VAL B 302 22.90 -7.42 33.90
C VAL B 302 23.59 -6.49 34.90
N LYS B 303 24.78 -6.85 35.40
CA LYS B 303 25.50 -6.01 36.39
C LYS B 303 25.95 -4.68 35.74
N ALA B 304 26.58 -4.72 34.58
CA ALA B 304 26.99 -3.49 33.87
C ALA B 304 25.73 -2.64 33.56
N PHE B 305 24.66 -3.29 33.14
CA PHE B 305 23.35 -2.65 32.80
C PHE B 305 22.85 -1.84 34.00
N LYS B 306 22.74 -2.48 35.17
CA LYS B 306 22.23 -1.79 36.40
C LYS B 306 23.12 -0.61 36.77
N GLU B 307 24.44 -0.74 36.72
CA GLU B 307 25.33 0.37 37.17
C GLU B 307 25.02 1.59 36.30
N LYS B 308 24.92 1.40 34.99
CA LYS B 308 24.68 2.49 34.00
C LYS B 308 23.28 3.07 34.19
N VAL B 309 22.23 2.26 34.37
CA VAL B 309 20.85 2.79 34.63
C VAL B 309 20.91 3.72 35.85
N LYS B 310 21.59 3.31 36.93
CA LYS B 310 21.64 4.08 38.22
C LYS B 310 22.46 5.36 38.05
N ALA B 311 23.38 5.41 37.10
CA ALA B 311 24.19 6.61 36.73
C ALA B 311 23.35 7.62 35.93
N LEU B 312 22.32 7.19 35.18
CA LEU B 312 21.42 8.12 34.44
C LEU B 312 20.83 9.12 35.43
N LYS B 313 20.69 10.39 35.00
CA LYS B 313 19.94 11.45 35.69
C LYS B 313 18.50 11.53 35.14
N VAL B 314 17.52 11.21 35.98
CA VAL B 314 16.09 11.52 35.78
C VAL B 314 15.81 12.88 36.40
N GLY B 315 15.26 13.82 35.63
CA GLY B 315 14.82 15.13 36.13
C GLY B 315 14.19 16.00 35.06
N ASP B 316 14.15 17.30 35.34
CA ASP B 316 13.51 18.36 34.52
C ASP B 316 14.11 18.40 33.11
N PRO B 317 13.27 18.27 32.06
CA PRO B 317 13.74 18.30 30.67
C PRO B 317 14.57 19.53 30.30
N LEU B 318 14.32 20.68 30.93
CA LEU B 318 15.04 21.92 30.57
C LEU B 318 16.43 21.98 31.19
N ASP B 319 16.80 21.08 32.10
CA ASP B 319 18.17 21.04 32.72
C ASP B 319 19.08 20.26 31.76
N GLU B 320 20.24 20.86 31.45
CA GLU B 320 21.25 20.35 30.47
C GLU B 320 21.84 19.02 30.95
N SER B 321 21.73 18.71 32.24
CA SER B 321 22.31 17.49 32.81
C SER B 321 21.24 16.42 32.92
N THR B 322 19.98 16.72 32.55
CA THR B 322 18.94 15.66 32.56
C THR B 322 19.16 14.74 31.35
N ASP B 323 19.18 13.43 31.60
CA ASP B 323 19.22 12.33 30.60
C ASP B 323 17.82 11.81 30.28
N ILE B 324 16.93 11.78 31.29
CA ILE B 324 15.61 11.08 31.21
C ILE B 324 14.58 12.01 31.84
N GLY B 325 13.49 12.28 31.14
CA GLY B 325 12.42 13.12 31.68
C GLY B 325 11.27 12.23 32.12
N PRO B 326 10.03 12.78 32.18
CA PRO B 326 8.86 11.99 32.57
C PRO B 326 8.24 11.17 31.43
N VAL B 327 7.22 10.37 31.74
CA VAL B 327 6.32 9.83 30.70
C VAL B 327 5.25 10.89 30.47
N ILE B 328 4.39 10.68 29.48
CA ILE B 328 3.66 11.80 28.84
C ILE B 328 2.44 12.17 29.68
N ASN B 329 1.78 11.21 30.32
CA ASN B 329 0.56 11.52 31.11
C ASN B 329 0.19 10.38 32.07
N GLN B 330 -0.88 10.60 32.83
CA GLN B 330 -1.35 9.69 33.91
C GLN B 330 -1.73 8.34 33.31
N GLU B 331 -2.44 8.36 32.18
CA GLU B 331 -2.88 7.14 31.44
C GLU B 331 -1.66 6.23 31.24
N SER B 332 -0.52 6.80 30.86
CA SER B 332 0.74 6.03 30.63
C SER B 332 1.26 5.43 31.95
N VAL B 333 1.36 6.24 33.00
CA VAL B 333 1.77 5.75 34.34
C VAL B 333 0.93 4.51 34.70
N GLU B 334 -0.39 4.58 34.54
CA GLU B 334 -1.32 3.47 34.90
C GLU B 334 -1.08 2.27 33.96
N LYS B 335 -0.95 2.48 32.66
CA LYS B 335 -0.65 1.34 31.74
C LYS B 335 0.64 0.65 32.24
N LEU B 336 1.63 1.42 32.71
CA LEU B 336 3.00 0.94 33.06
C LEU B 336 3.04 0.26 34.45
N ASN B 337 2.30 0.77 35.44
CA ASN B 337 1.99 0.03 36.69
C ASN B 337 1.34 -1.32 36.38
N LYS B 338 0.29 -1.36 35.55
CA LYS B 338 -0.41 -2.64 35.23
C LYS B 338 0.59 -3.67 34.68
N ALA B 339 1.57 -3.24 33.85
CA ALA B 339 2.62 -4.12 33.25
C ALA B 339 3.56 -4.63 34.35
N LEU B 340 3.90 -3.76 35.30
CA LEU B 340 4.72 -4.08 36.49
C LEU B 340 3.96 -5.09 37.36
N GLU B 341 2.71 -4.80 37.73
CA GLU B 341 1.89 -5.67 38.62
C GLU B 341 1.75 -7.04 37.95
N ASP B 342 1.42 -7.07 36.65
CA ASP B 342 1.29 -8.30 35.84
C ASP B 342 2.58 -9.15 35.92
N ALA B 343 3.74 -8.52 35.89
CA ALA B 343 5.04 -9.23 35.91
C ALA B 343 5.28 -9.83 37.31
N GLN B 344 5.04 -9.06 38.39
CA GLN B 344 5.19 -9.52 39.80
C GLN B 344 4.37 -10.79 40.03
N SER B 345 3.13 -10.80 39.54
CA SER B 345 2.12 -11.88 39.76
C SER B 345 2.43 -13.13 38.93
N LYS B 346 3.29 -13.05 37.91
CA LYS B 346 3.57 -14.17 36.96
C LYS B 346 5.00 -14.69 37.13
N GLY B 347 5.67 -14.33 38.24
CA GLY B 347 6.96 -14.90 38.68
C GLY B 347 8.14 -13.99 38.35
N GLY B 348 7.87 -12.75 37.94
CA GLY B 348 8.94 -11.81 37.53
C GLY B 348 9.50 -11.08 38.72
N ASN B 349 10.81 -10.84 38.74
CA ASN B 349 11.52 -10.02 39.74
C ASN B 349 11.60 -8.57 39.21
N VAL B 350 10.82 -7.67 39.80
CA VAL B 350 10.75 -6.22 39.43
C VAL B 350 11.67 -5.46 40.38
N GLU B 351 12.74 -4.87 39.83
CA GLU B 351 13.72 -4.04 40.56
C GLU B 351 13.66 -2.63 40.00
N VAL B 352 13.41 -1.64 40.87
CA VAL B 352 13.53 -0.19 40.58
C VAL B 352 15.00 0.22 40.72
N LEU B 353 15.55 0.94 39.74
CA LEU B 353 17.00 1.27 39.69
C LEU B 353 17.24 2.78 39.87
N ASN B 354 16.22 3.62 39.72
CA ASN B 354 16.41 5.10 39.54
C ASN B 354 15.06 5.80 39.52
N LYS B 355 14.92 6.88 40.27
CA LYS B 355 13.62 7.54 40.52
C LYS B 355 13.84 9.05 40.39
N GLY B 356 13.07 9.71 39.52
CA GLY B 356 13.11 11.17 39.34
C GLY B 356 12.18 11.85 40.32
N PRO B 357 11.92 13.17 40.16
CA PRO B 357 11.09 13.93 41.09
C PRO B 357 9.67 13.36 41.18
N GLU B 358 8.90 13.80 42.18
CA GLU B 358 7.52 13.32 42.43
C GLU B 358 6.49 14.36 41.95
N THR B 359 6.81 15.12 40.90
CA THR B 359 6.19 16.43 40.56
C THR B 359 5.25 16.34 39.35
N GLY B 360 5.23 15.22 38.63
CA GLY B 360 4.42 15.11 37.41
C GLY B 360 4.19 13.66 37.04
N TYR B 361 4.78 13.21 35.95
CA TYR B 361 4.64 11.81 35.44
C TYR B 361 6.04 11.21 35.29
N PHE B 362 6.88 11.43 36.31
CA PHE B 362 8.16 10.69 36.41
C PHE B 362 7.81 9.25 36.75
N PHE B 363 8.46 8.33 36.05
CA PHE B 363 8.23 6.89 36.25
C PHE B 363 9.60 6.29 36.50
N PRO B 364 9.70 5.40 37.50
CA PRO B 364 10.99 4.87 37.93
C PRO B 364 11.62 4.09 36.79
N LEU B 365 12.93 4.24 36.57
CA LEU B 365 13.65 3.37 35.61
C LEU B 365 13.70 2.00 36.27
N SER B 366 13.13 0.98 35.63
CA SER B 366 12.87 -0.32 36.27
C SER B 366 13.37 -1.46 35.38
N LEU B 367 13.74 -2.55 36.04
CA LEU B 367 14.31 -3.77 35.40
C LEU B 367 13.46 -4.96 35.85
N VAL B 368 13.16 -5.88 34.93
CA VAL B 368 12.43 -7.14 35.21
C VAL B 368 13.32 -8.30 34.74
N THR B 369 13.78 -9.09 35.69
CA THR B 369 14.52 -10.36 35.46
C THR B 369 13.52 -11.51 35.64
N ASN B 370 13.84 -12.69 35.09
CA ASN B 370 12.97 -13.89 35.14
C ASN B 370 11.60 -13.57 34.55
N PRO B 371 11.53 -12.93 33.37
CA PRO B 371 10.24 -12.67 32.71
C PRO B 371 9.77 -13.95 32.03
N SER B 372 8.50 -14.04 31.62
CA SER B 372 7.94 -15.21 30.90
C SER B 372 7.03 -14.72 29.77
N LEU B 373 6.90 -15.49 28.69
CA LEU B 373 6.19 -15.11 27.44
C LEU B 373 4.73 -14.73 27.68
N ASP B 374 4.14 -15.05 28.85
CA ASP B 374 2.73 -14.73 29.17
C ASP B 374 2.65 -13.29 29.70
N MET B 375 3.77 -12.72 30.13
CA MET B 375 3.84 -11.36 30.74
C MET B 375 3.60 -10.27 29.70
N LEU B 376 2.97 -9.17 30.10
CA LEU B 376 2.72 -7.96 29.26
C LEU B 376 4.08 -7.39 28.79
N VAL B 377 5.10 -7.42 29.64
CA VAL B 377 6.44 -6.80 29.34
C VAL B 377 7.14 -7.58 28.22
N LEU B 378 6.61 -8.74 27.78
CA LEU B 378 7.17 -9.52 26.65
C LEU B 378 6.18 -9.70 25.49
N LYS B 379 4.88 -9.47 25.66
CA LYS B 379 3.92 -9.75 24.56
C LYS B 379 3.24 -8.46 24.08
N THR B 380 3.39 -7.35 24.80
CA THR B 380 2.89 -6.02 24.32
C THR B 380 4.04 -5.00 24.25
N GLU B 381 3.79 -3.92 23.52
CA GLU B 381 4.68 -2.72 23.46
C GLU B 381 4.59 -1.99 24.80
N ILE B 382 5.70 -1.90 25.50
CA ILE B 382 5.85 -1.15 26.78
C ILE B 382 6.48 0.19 26.43
N PHE B 383 5.65 1.24 26.42
CA PHE B 383 6.03 2.62 26.03
C PHE B 383 6.39 3.38 27.30
N GLY B 384 7.44 2.92 27.97
CA GLY B 384 7.93 3.48 29.23
C GLY B 384 9.21 2.76 29.67
N PRO B 385 9.82 3.22 30.78
CA PRO B 385 11.16 2.80 31.16
C PRO B 385 11.16 1.51 32.00
N ILE B 386 10.70 0.43 31.37
CA ILE B 386 10.70 -0.95 31.94
C ILE B 386 11.46 -1.86 30.98
N ALA B 387 12.56 -2.45 31.44
CA ALA B 387 13.47 -3.32 30.67
C ALA B 387 13.37 -4.77 31.14
N PRO B 388 12.66 -5.66 30.40
CA PRO B 388 12.73 -7.08 30.66
C PRO B 388 14.01 -7.68 30.07
N ILE B 389 14.78 -8.41 30.87
CA ILE B 389 15.98 -9.15 30.39
C ILE B 389 15.74 -10.65 30.50
N VAL B 390 15.92 -11.35 29.39
CA VAL B 390 15.75 -12.82 29.22
C VAL B 390 17.14 -13.42 29.03
N SER B 391 17.40 -14.57 29.67
CA SER B 391 18.59 -15.43 29.47
C SER B 391 18.26 -16.49 28.44
N VAL B 392 19.21 -16.74 27.54
CA VAL B 392 19.06 -17.82 26.51
C VAL B 392 20.36 -18.61 26.44
N LYS B 393 20.27 -19.87 26.02
CA LYS B 393 21.39 -20.84 25.95
C LYS B 393 22.03 -20.78 24.57
N SER B 394 21.26 -20.47 23.53
CA SER B 394 21.68 -20.56 22.11
C SER B 394 21.15 -19.38 21.27
N ASP B 395 21.65 -19.29 20.04
CA ASP B 395 21.22 -18.32 18.99
C ASP B 395 19.81 -18.70 18.54
N GLU B 396 19.56 -20.00 18.34
CA GLU B 396 18.24 -20.56 17.96
C GLU B 396 17.15 -20.04 18.92
N GLU B 397 17.44 -19.99 20.22
CA GLU B 397 16.49 -19.58 21.28
C GLU B 397 16.32 -18.05 21.23
N ALA B 398 17.44 -17.33 21.07
CA ALA B 398 17.47 -15.86 20.88
C ALA B 398 16.48 -15.52 19.76
N ILE B 399 16.64 -16.15 18.61
CA ILE B 399 15.81 -15.93 17.38
C ILE B 399 14.32 -16.19 17.66
N ASN B 400 13.98 -17.24 18.43
CA ASN B 400 12.55 -17.63 18.65
C ASN B 400 11.90 -16.64 19.61
N ILE B 401 12.59 -16.22 20.66
CA ILE B 401 12.06 -15.15 21.57
C ILE B 401 11.92 -13.84 20.76
N ALA B 402 12.95 -13.45 20.02
CA ALA B 402 13.02 -12.18 19.25
C ALA B 402 11.78 -12.07 18.37
N ASN B 403 11.46 -13.17 17.68
CA ASN B 403 10.42 -13.25 16.63
C ASN B 403 9.03 -13.46 17.24
N SER B 404 8.89 -13.57 18.57
CA SER B 404 7.68 -14.15 19.19
C SER B 404 6.53 -13.13 19.28
N THR B 405 6.81 -11.85 19.05
CA THR B 405 5.85 -10.72 19.13
C THR B 405 5.02 -10.64 17.84
N GLU B 406 3.93 -9.85 17.90
CA GLU B 406 3.07 -9.46 16.75
C GLU B 406 3.73 -8.29 15.99
N TYR B 407 4.87 -7.78 16.48
CA TYR B 407 5.60 -6.60 15.93
C TYR B 407 6.76 -7.08 15.04
N GLY B 408 7.35 -6.17 14.25
CA GLY B 408 8.51 -6.51 13.38
C GLY B 408 9.26 -5.28 12.89
N LEU B 409 9.51 -4.31 13.77
CA LEU B 409 10.14 -3.03 13.40
C LEU B 409 11.64 -3.22 13.18
N GLN B 410 12.44 -3.25 14.25
CA GLN B 410 13.91 -3.36 14.16
C GLN B 410 14.39 -4.27 15.29
N SER B 411 15.56 -4.86 15.10
CA SER B 411 16.24 -5.76 16.05
C SER B 411 17.71 -5.40 15.99
N ALA B 412 18.45 -5.58 17.09
CA ALA B 412 19.93 -5.44 17.10
C ALA B 412 20.59 -6.73 17.58
N ILE B 413 21.81 -6.97 17.08
CA ILE B 413 22.69 -8.09 17.47
C ILE B 413 24.03 -7.48 17.82
N PHE B 414 24.49 -7.76 19.04
CA PHE B 414 25.86 -7.47 19.51
C PHE B 414 26.64 -8.80 19.48
N SER B 415 27.81 -8.73 18.85
CA SER B 415 28.69 -9.86 18.50
C SER B 415 29.95 -9.31 17.81
N ASN B 416 31.13 -9.77 18.20
CA ASN B 416 32.38 -9.40 17.48
C ASN B 416 32.46 -10.23 16.20
N ASP B 417 31.63 -11.27 16.08
CA ASP B 417 31.56 -12.17 14.89
C ASP B 417 30.42 -11.68 13.97
N VAL B 418 30.75 -10.92 12.93
CA VAL B 418 29.74 -10.38 11.97
C VAL B 418 29.21 -11.52 11.08
N ASN B 419 30.03 -12.53 10.79
CA ASN B 419 29.59 -13.66 9.93
C ASN B 419 28.37 -14.33 10.58
N ARG B 420 28.45 -14.57 11.88
CA ARG B 420 27.37 -15.18 12.71
C ARG B 420 26.22 -14.18 12.83
N ALA B 421 26.53 -12.90 12.99
CA ALA B 421 25.52 -11.84 13.11
C ALA B 421 24.70 -11.82 11.81
N LEU B 422 25.35 -11.95 10.66
CA LEU B 422 24.67 -11.88 9.34
C LEU B 422 23.79 -13.13 9.13
N LYS B 423 24.16 -14.30 9.68
CA LYS B 423 23.36 -15.54 9.48
C LYS B 423 22.11 -15.47 10.37
N ILE B 424 22.25 -15.02 11.60
CA ILE B 424 21.11 -14.73 12.52
C ILE B 424 20.21 -13.68 11.87
N ALA B 425 20.78 -12.67 11.19
CA ALA B 425 20.00 -11.57 10.57
C ALA B 425 18.95 -12.18 9.65
N LYS B 426 19.29 -13.25 8.93
CA LYS B 426 18.43 -13.88 7.88
C LYS B 426 17.16 -14.46 8.53
N GLU B 427 17.19 -14.81 9.80
CA GLU B 427 16.08 -15.53 10.48
C GLU B 427 15.26 -14.59 11.36
N LEU B 428 15.61 -13.30 11.40
CA LEU B 428 14.85 -12.33 12.24
C LEU B 428 13.83 -11.64 11.33
N LYS B 429 12.56 -11.68 11.73
CA LYS B 429 11.40 -11.10 10.99
C LYS B 429 11.24 -9.64 11.43
N PHE B 430 12.09 -8.77 10.89
CA PHE B 430 12.13 -7.32 11.21
C PHE B 430 12.41 -6.52 9.94
N GLY B 431 11.90 -5.29 9.92
CA GLY B 431 12.11 -4.34 8.82
C GLY B 431 13.57 -3.93 8.75
N ALA B 432 14.29 -3.95 9.86
CA ALA B 432 15.74 -3.68 9.90
C ALA B 432 16.39 -4.44 11.06
N ILE B 433 17.59 -4.96 10.80
CA ILE B 433 18.44 -5.62 11.81
C ILE B 433 19.70 -4.78 11.90
N ILE B 434 20.05 -4.40 13.11
CA ILE B 434 21.23 -3.52 13.39
C ILE B 434 22.34 -4.36 14.02
N ILE B 435 23.47 -4.48 13.34
CA ILE B 435 24.58 -5.32 13.83
C ILE B 435 25.58 -4.39 14.50
N ASN B 436 25.76 -4.64 15.80
CA ASN B 436 26.65 -3.92 16.72
C ASN B 436 26.21 -2.47 16.91
N ASP B 437 24.92 -2.17 16.86
CA ASP B 437 24.45 -0.80 17.19
C ASP B 437 23.02 -0.84 17.73
N SER B 438 22.46 0.36 18.01
CA SER B 438 21.15 0.53 18.68
C SER B 438 19.97 0.19 17.75
N THR B 439 18.89 -0.35 18.33
CA THR B 439 17.54 -0.44 17.69
C THR B 439 17.00 0.97 17.34
N ARG B 440 17.50 2.01 17.98
CA ARG B 440 17.03 3.41 17.79
C ARG B 440 17.43 3.95 16.40
N LEU B 441 18.42 3.39 15.71
CA LEU B 441 18.91 3.99 14.44
C LEU B 441 17.77 4.12 13.43
N ARG B 442 17.73 5.27 12.77
CA ARG B 442 16.86 5.57 11.60
C ARG B 442 17.58 6.59 10.73
N TRP B 443 17.44 6.44 9.43
CA TRP B 443 17.94 7.35 8.38
C TRP B 443 16.70 7.97 7.73
N ASP B 444 16.47 9.26 7.95
CA ASP B 444 15.16 9.89 7.66
C ASP B 444 14.83 9.82 6.16
N SER B 445 15.82 9.66 5.26
CA SER B 445 15.64 9.45 3.80
C SER B 445 15.34 7.96 3.47
N LEU B 446 15.70 7.03 4.34
CA LEU B 446 15.65 5.57 4.05
C LEU B 446 14.32 5.00 4.56
N PRO B 447 13.91 3.84 4.01
CA PRO B 447 12.75 3.13 4.52
C PRO B 447 12.84 2.93 6.04
N PHE B 448 11.74 3.17 6.73
CA PHE B 448 11.56 2.85 8.16
C PHE B 448 10.18 2.22 8.32
N GLY B 449 10.05 1.16 9.11
CA GLY B 449 8.82 0.33 9.18
C GLY B 449 9.19 -1.14 9.29
N GLY B 450 8.19 -2.03 9.22
CA GLY B 450 8.45 -3.47 9.23
C GLY B 450 7.24 -4.36 9.01
N PHE B 451 7.33 -5.59 9.54
CA PHE B 451 6.47 -6.74 9.21
C PHE B 451 5.25 -6.74 10.13
N LYS B 452 4.32 -7.64 9.84
CA LYS B 452 3.22 -7.98 10.78
C LYS B 452 2.55 -6.64 11.13
N LYS B 453 2.21 -6.40 12.39
CA LYS B 453 1.32 -5.28 12.83
C LYS B 453 2.14 -4.05 13.21
N THR B 454 3.40 -3.99 12.76
CA THR B 454 4.29 -2.82 12.95
C THR B 454 3.82 -1.67 12.03
N GLY B 455 3.11 -2.00 10.93
CA GLY B 455 2.41 -0.98 10.13
C GLY B 455 2.07 -1.44 8.74
N ILE B 456 1.74 -0.46 7.89
CA ILE B 456 1.54 -0.61 6.41
C ILE B 456 2.45 0.39 5.71
N GLY B 457 3.33 -0.12 4.85
CA GLY B 457 4.20 0.71 4.01
C GLY B 457 5.49 1.02 4.75
N ARG B 458 6.25 1.97 4.22
CA ARG B 458 7.50 2.45 4.85
C ARG B 458 7.39 3.97 4.96
N GLU B 459 8.10 4.58 5.89
CA GLU B 459 8.13 6.05 6.02
C GLU B 459 9.59 6.51 5.91
N GLY B 460 9.90 7.27 4.86
CA GLY B 460 11.18 7.97 4.68
C GLY B 460 11.01 8.94 3.54
N VAL B 461 11.85 9.97 3.45
CA VAL B 461 11.74 11.01 2.40
C VAL B 461 11.42 10.33 1.06
N ARG B 462 12.18 9.30 0.67
CA ARG B 462 12.02 8.69 -0.66
C ARG B 462 10.74 7.85 -0.71
N ASP B 463 10.54 6.95 0.26
CA ASP B 463 9.39 6.02 0.23
C ASP B 463 8.10 6.82 0.40
N THR B 464 8.05 7.78 1.33
CA THR B 464 6.82 8.58 1.59
C THR B 464 6.39 9.31 0.32
N MET B 465 7.35 9.88 -0.42
CA MET B 465 7.06 10.58 -1.70
C MET B 465 6.39 9.60 -2.68
N LEU B 466 6.92 8.39 -2.81
CA LEU B 466 6.32 7.41 -3.74
C LEU B 466 4.93 7.06 -3.19
N GLU B 467 4.79 6.76 -1.90
CA GLU B 467 3.46 6.39 -1.34
C GLU B 467 2.46 7.55 -1.42
N MET B 468 2.92 8.78 -1.64
CA MET B 468 2.05 9.98 -1.58
C MET B 468 1.73 10.46 -2.98
N THR B 469 2.14 9.68 -3.99
CA THR B 469 1.88 9.98 -5.42
C THR B 469 1.23 8.76 -6.07
N GLU B 470 0.52 9.00 -7.19
CA GLU B 470 -0.03 7.96 -8.07
C GLU B 470 0.85 7.90 -9.33
N ASN B 471 1.25 6.69 -9.71
CA ASN B 471 1.81 6.42 -11.04
C ASN B 471 0.77 6.75 -12.11
N LYS B 472 1.16 7.49 -13.14
CA LYS B 472 0.28 7.76 -14.30
C LYS B 472 1.08 7.45 -15.57
N LEU B 473 0.58 6.51 -16.38
CA LEU B 473 1.18 6.20 -17.70
C LEU B 473 0.57 7.12 -18.76
N ILE B 474 1.39 7.59 -19.71
CA ILE B 474 0.88 8.12 -21.01
C ILE B 474 1.49 7.26 -22.12
N ALA B 475 0.62 6.62 -22.92
CA ALA B 475 0.97 5.74 -24.07
C ALA B 475 0.51 6.43 -25.36
N ILE B 476 1.47 6.88 -26.17
CA ILE B 476 1.27 7.41 -27.55
C ILE B 476 1.47 6.28 -28.56
N THR B 477 0.48 5.98 -29.40
CA THR B 477 0.67 5.19 -30.64
C THR B 477 0.96 6.19 -31.77
N LEU B 478 2.19 6.17 -32.30
CA LEU B 478 2.63 7.05 -33.41
C LEU B 478 1.93 6.57 -34.68
N LEU B 479 1.12 7.43 -35.29
CA LEU B 479 0.56 7.27 -36.66
C LEU B 479 1.56 7.91 -37.64
#